data_1NFR
#
_entry.id   1NFR
#
_cell.length_a   120.020
_cell.length_b   120.020
_cell.length_c   140.002
_cell.angle_alpha   90.00
_cell.angle_beta   90.00
_cell.angle_gamma   90.00
#
_symmetry.space_group_name_H-M   'I 4'
#
loop_
_entity.id
_entity.type
_entity.pdbx_description
1 polymer 'Putative oxidoreductase Rv2002'
2 non-polymer NICOTINAMIDE-ADENINE-DINUCLEOTIDE
3 water water
#
_entity_poly.entity_id   1
_entity_poly.type   'polypeptide(L)'
_entity_poly.pdbx_seq_one_letter_code
;MSGRLTGKVALVSGGARG(MSE)GASHVRA(MSE)VAEGAKVVFGDILDEEGKA(MSE)AAELADAARYVHLDVTQPAQW
KAAVDTAVTAFGGLHVLVNNAGILNIGTIEDYALTEWQRILDVNLTGVFLGIRAVVKP(MSE)KEAGRGSIINISSIEGL
AGTVACHGYTATKFAVRGLTKSTALELGPSGIRVNSIHPGLVKTP(MSE)TDWVPEDIFQTALGRAAEPVEVSNLVVYLA
SDESSYSTGAEFVVDGGTVAGLAHNDFGAVEVSSQPEWVT
;
_entity_poly.pdbx_strand_id   A,B,C,D
#
loop_
_chem_comp.id
_chem_comp.type
_chem_comp.name
_chem_comp.formula
NAD non-polymer NICOTINAMIDE-ADENINE-DINUCLEOTIDE 'C21 H27 N7 O14 P2'
#
# COMPACT_ATOMS: atom_id res chain seq x y z
N SER A 2 15.19 26.04 14.76
CA SER A 2 15.73 27.42 14.61
C SER A 2 16.80 27.43 13.53
N GLY A 3 16.48 28.08 12.41
CA GLY A 3 17.42 28.15 11.31
C GLY A 3 17.52 26.82 10.58
N ARG A 4 16.52 25.97 10.76
CA ARG A 4 16.52 24.66 10.09
C ARG A 4 16.28 24.82 8.60
N LEU A 5 15.77 25.98 8.19
CA LEU A 5 15.53 26.26 6.78
C LEU A 5 16.29 27.51 6.33
N THR A 6 17.31 27.92 7.07
CA THR A 6 18.08 29.10 6.73
C THR A 6 18.70 29.02 5.34
N GLY A 7 18.56 30.10 4.57
CA GLY A 7 19.11 30.13 3.23
C GLY A 7 18.21 29.52 2.17
N LYS A 8 17.11 28.93 2.60
CA LYS A 8 16.18 28.31 1.65
C LYS A 8 15.04 29.25 1.29
N VAL A 9 14.68 29.27 0.00
CA VAL A 9 13.60 30.10 -0.50
C VAL A 9 12.49 29.16 -0.95
N ALA A 10 11.27 29.41 -0.48
CA ALA A 10 10.15 28.56 -0.83
C ALA A 10 8.99 29.29 -1.50
N LEU A 11 8.11 28.52 -2.13
CA LEU A 11 6.91 29.02 -2.80
C LEU A 11 5.75 28.16 -2.31
N VAL A 12 4.72 28.81 -1.76
CA VAL A 12 3.57 28.08 -1.23
C VAL A 12 2.29 28.53 -1.93
N SER A 13 1.63 27.60 -2.62
CA SER A 13 0.39 27.93 -3.30
C SER A 13 -0.79 27.81 -2.33
N GLY A 14 -1.78 28.69 -2.48
CA GLY A 14 -2.93 28.68 -1.59
C GLY A 14 -2.52 29.01 -0.16
N GLY A 15 -1.52 29.88 -0.01
CA GLY A 15 -1.05 30.22 1.32
C GLY A 15 -1.69 31.43 1.96
N ALA A 16 -2.88 31.82 1.50
CA ALA A 16 -3.60 32.98 2.05
C ALA A 16 -4.36 32.71 3.33
N ARG A 17 -4.56 31.43 3.64
CA ARG A 17 -5.27 31.03 4.86
C ARG A 17 -5.07 29.53 5.06
N GLY A 18 -5.75 28.97 6.07
CA GLY A 18 -5.64 27.55 6.35
C GLY A 18 -4.23 27.03 6.51
N MSE A 19 -4.02 25.76 6.16
CA MSE A 19 -2.69 25.14 6.27
C MSE A 19 -1.61 25.87 5.50
O MSE A 19 -0.47 25.95 5.95
CB MSE A 19 -2.75 23.69 5.81
CG MSE A 19 -3.20 22.71 6.88
SE MSE A 19 -2.98 20.87 6.33
CE MSE A 19 -4.64 20.71 5.46
N GLY A 20 -1.97 26.42 4.34
CA GLY A 20 -1.01 27.13 3.53
C GLY A 20 -0.37 28.28 4.29
N ALA A 21 -1.18 29.04 4.99
CA ALA A 21 -0.69 30.17 5.77
C ALA A 21 0.21 29.67 6.89
N SER A 22 -0.23 28.59 7.54
CA SER A 22 0.52 27.98 8.63
C SER A 22 1.91 27.61 8.09
N HIS A 23 1.95 26.97 6.92
CA HIS A 23 3.21 26.56 6.31
C HIS A 23 4.12 27.78 6.11
N VAL A 24 3.54 28.87 5.62
CA VAL A 24 4.33 30.08 5.40
C VAL A 24 4.93 30.53 6.72
N ARG A 25 4.09 30.69 7.73
CA ARG A 25 4.53 31.13 9.07
C ARG A 25 5.58 30.19 9.65
N ALA A 26 5.30 28.88 9.62
CA ALA A 26 6.24 27.90 10.16
C ALA A 26 7.61 27.97 9.49
N MSE A 27 7.63 28.03 8.16
CA MSE A 27 8.89 28.08 7.44
C MSE A 27 9.67 29.38 7.65
O MSE A 27 10.89 29.37 7.68
CB MSE A 27 8.66 27.81 5.96
CG MSE A 27 8.35 26.33 5.67
SE MSE A 27 8.35 25.89 3.79
CE MSE A 27 6.69 26.77 3.38
N VAL A 28 8.96 30.50 7.78
CA VAL A 28 9.63 31.78 8.04
C VAL A 28 10.31 31.67 9.40
N ALA A 29 9.59 31.08 10.35
CA ALA A 29 10.10 30.88 11.71
C ALA A 29 11.39 30.06 11.69
N GLU A 30 11.58 29.25 10.66
CA GLU A 30 12.79 28.43 10.56
C GLU A 30 13.89 29.05 9.70
N GLY A 31 13.73 30.33 9.34
CA GLY A 31 14.75 31.01 8.56
C GLY A 31 14.56 31.05 7.06
N ALA A 32 13.42 30.56 6.57
CA ALA A 32 13.17 30.56 5.13
C ALA A 32 12.54 31.86 4.66
N LYS A 33 12.80 32.20 3.40
CA LYS A 33 12.19 33.38 2.79
C LYS A 33 11.05 32.73 2.01
N VAL A 34 9.85 33.28 2.10
CA VAL A 34 8.73 32.67 1.42
C VAL A 34 7.85 33.57 0.55
N VAL A 35 7.56 33.08 -0.65
CA VAL A 35 6.67 33.75 -1.58
C VAL A 35 5.47 32.84 -1.54
N PHE A 36 4.28 33.40 -1.32
CA PHE A 36 3.08 32.58 -1.28
C PHE A 36 1.98 33.20 -2.11
N GLY A 37 1.34 32.37 -2.92
CA GLY A 37 0.29 32.85 -3.79
C GLY A 37 -1.08 32.28 -3.46
N ASP A 38 -2.11 32.97 -3.91
CA ASP A 38 -3.48 32.54 -3.67
C ASP A 38 -4.40 33.40 -4.52
N ILE A 39 -5.69 33.26 -4.28
CA ILE A 39 -6.69 34.04 -5.00
C ILE A 39 -7.47 34.88 -3.99
N LEU A 40 -7.02 34.83 -2.74
CA LEU A 40 -7.63 35.61 -1.66
C LEU A 40 -6.64 36.74 -1.37
N ASP A 41 -6.59 37.70 -2.30
CA ASP A 41 -5.68 38.83 -2.22
C ASP A 41 -5.73 39.67 -0.96
N GLU A 42 -6.93 40.00 -0.49
CA GLU A 42 -7.07 40.80 0.73
C GLU A 42 -6.33 40.11 1.86
N GLU A 43 -6.74 38.88 2.16
CA GLU A 43 -6.13 38.09 3.21
C GLU A 43 -4.64 37.88 2.91
N GLY A 44 -4.32 37.72 1.63
CA GLY A 44 -2.93 37.53 1.23
C GLY A 44 -2.09 38.74 1.56
N LYS A 45 -2.58 39.93 1.20
CA LYS A 45 -1.85 41.15 1.48
C LYS A 45 -1.78 41.40 2.99
N ALA A 46 -2.86 41.06 3.69
CA ALA A 46 -2.91 41.25 5.13
C ALA A 46 -1.76 40.56 5.87
N MSE A 47 -1.57 39.26 5.63
CA MSE A 47 -0.49 38.55 6.32
C MSE A 47 0.89 38.84 5.74
O MSE A 47 1.90 38.74 6.45
CB MSE A 47 -0.74 37.04 6.32
CG MSE A 47 -0.73 36.37 4.97
SE MSE A 47 -1.20 34.49 5.14
CE MSE A 47 0.58 33.76 5.30
N ALA A 48 0.94 39.22 4.47
CA ALA A 48 2.21 39.55 3.85
C ALA A 48 2.76 40.80 4.55
N ALA A 49 1.87 41.54 5.19
CA ALA A 49 2.26 42.76 5.91
C ALA A 49 2.99 42.44 7.20
N GLU A 50 2.56 41.40 7.89
CA GLU A 50 3.19 41.00 9.15
C GLU A 50 4.46 40.19 8.96
N LEU A 51 4.70 39.73 7.72
CA LEU A 51 5.89 38.94 7.40
C LEU A 51 6.70 39.65 6.31
N ALA A 52 6.36 40.91 6.05
CA ALA A 52 6.99 41.73 5.01
C ALA A 52 8.48 41.56 4.74
N ASP A 53 9.28 41.31 5.77
CA ASP A 53 10.71 41.17 5.56
C ASP A 53 11.15 39.80 5.03
N ALA A 54 10.44 38.75 5.41
CA ALA A 54 10.81 37.41 4.97
C ALA A 54 9.81 36.77 4.00
N ALA A 55 8.74 37.47 3.69
CA ALA A 55 7.73 36.90 2.79
C ALA A 55 7.20 37.87 1.74
N ARG A 56 6.57 37.31 0.71
CA ARG A 56 5.99 38.09 -0.37
C ARG A 56 4.73 37.38 -0.85
N TYR A 57 3.64 38.13 -0.96
CA TYR A 57 2.39 37.56 -1.46
C TYR A 57 2.32 37.87 -2.94
N VAL A 58 1.65 36.99 -3.67
CA VAL A 58 1.46 37.15 -5.11
C VAL A 58 0.11 36.54 -5.42
N HIS A 59 -0.61 37.13 -6.36
CA HIS A 59 -1.90 36.56 -6.75
C HIS A 59 -1.50 35.41 -7.66
N LEU A 60 -1.99 34.20 -7.37
CA LEU A 60 -1.65 33.04 -8.16
C LEU A 60 -2.79 32.03 -8.26
N ASP A 61 -3.30 31.87 -9.47
CA ASP A 61 -4.36 30.91 -9.73
C ASP A 61 -3.53 29.74 -10.26
N VAL A 62 -3.47 28.66 -9.49
CA VAL A 62 -2.67 27.52 -9.89
C VAL A 62 -3.02 26.90 -11.24
N THR A 63 -4.19 27.25 -11.79
CA THR A 63 -4.59 26.68 -13.08
C THR A 63 -3.99 27.49 -14.23
N GLN A 64 -3.32 28.59 -13.88
CA GLN A 64 -2.70 29.49 -14.86
C GLN A 64 -1.17 29.39 -14.88
N PRO A 65 -0.60 28.70 -15.88
CA PRO A 65 0.85 28.62 -15.88
C PRO A 65 1.57 29.97 -15.94
N ALA A 66 0.94 30.96 -16.58
CA ALA A 66 1.54 32.28 -16.68
C ALA A 66 1.73 32.88 -15.30
N GLN A 67 0.78 32.58 -14.41
CA GLN A 67 0.83 33.10 -13.05
C GLN A 67 1.82 32.33 -12.19
N TRP A 68 2.04 31.07 -12.53
CA TRP A 68 3.00 30.26 -11.82
C TRP A 68 4.39 30.80 -12.13
N LYS A 69 4.64 31.10 -13.40
CA LYS A 69 5.94 31.60 -13.80
C LYS A 69 6.25 32.93 -13.13
N ALA A 70 5.24 33.79 -13.01
CA ALA A 70 5.38 35.09 -12.37
C ALA A 70 5.66 34.92 -10.87
N ALA A 71 5.06 33.89 -10.28
CA ALA A 71 5.25 33.62 -8.86
C ALA A 71 6.69 33.20 -8.62
N VAL A 72 7.24 32.44 -9.56
CA VAL A 72 8.60 31.95 -9.48
C VAL A 72 9.61 33.08 -9.68
N ASP A 73 9.39 33.90 -10.71
CA ASP A 73 10.30 35.01 -10.97
C ASP A 73 10.39 35.91 -9.75
N THR A 74 9.27 36.06 -9.03
CA THR A 74 9.24 36.88 -7.84
C THR A 74 10.19 36.34 -6.78
N ALA A 75 10.12 35.03 -6.55
CA ALA A 75 10.96 34.36 -5.57
C ALA A 75 12.42 34.49 -5.95
N VAL A 76 12.72 34.27 -7.22
CA VAL A 76 14.09 34.35 -7.71
C VAL A 76 14.68 35.75 -7.63
N THR A 77 13.93 36.77 -8.06
CA THR A 77 14.44 38.12 -8.02
C THR A 77 14.45 38.70 -6.61
N ALA A 78 13.39 38.45 -5.85
CA ALA A 78 13.31 38.97 -4.49
C ALA A 78 14.28 38.31 -3.52
N PHE A 79 14.42 36.99 -3.60
CA PHE A 79 15.29 36.26 -2.67
C PHE A 79 16.52 35.58 -3.25
N GLY A 80 16.73 35.69 -4.55
CA GLY A 80 17.92 35.10 -5.15
C GLY A 80 17.78 33.70 -5.73
N GLY A 81 16.67 33.05 -5.47
CA GLY A 81 16.48 31.71 -5.98
C GLY A 81 15.25 31.02 -5.43
N LEU A 82 15.15 29.71 -5.67
CA LEU A 82 14.01 28.92 -5.19
C LEU A 82 14.42 27.47 -4.94
N HIS A 83 14.21 27.01 -3.71
CA HIS A 83 14.60 25.65 -3.34
C HIS A 83 13.45 24.77 -2.84
N VAL A 84 12.31 25.37 -2.51
CA VAL A 84 11.17 24.60 -1.99
C VAL A 84 9.84 25.01 -2.62
N LEU A 85 8.99 24.01 -2.86
CA LEU A 85 7.65 24.22 -3.42
C LEU A 85 6.66 23.40 -2.60
N VAL A 86 5.61 24.05 -2.13
CA VAL A 86 4.58 23.37 -1.37
C VAL A 86 3.29 23.53 -2.16
N ASN A 87 2.91 22.48 -2.87
CA ASN A 87 1.69 22.50 -3.65
C ASN A 87 0.53 22.24 -2.71
N ASN A 88 0.13 23.31 -2.03
CA ASN A 88 -0.93 23.27 -1.03
C ASN A 88 -2.32 23.64 -1.53
N ALA A 89 -2.38 24.54 -2.52
CA ALA A 89 -3.66 24.98 -3.07
C ALA A 89 -4.51 23.79 -3.48
N GLY A 90 -5.79 23.85 -3.09
CA GLY A 90 -6.72 22.79 -3.42
C GLY A 90 -8.13 23.16 -3.01
N ILE A 91 -9.11 22.44 -3.55
CA ILE A 91 -10.51 22.67 -3.25
C ILE A 91 -11.20 21.34 -2.96
N LEU A 92 -12.36 21.42 -2.33
CA LEU A 92 -13.14 20.23 -2.02
C LEU A 92 -14.57 20.39 -2.49
N ASN A 93 -15.07 19.38 -3.20
CA ASN A 93 -16.47 19.36 -3.63
C ASN A 93 -16.91 17.92 -3.49
N ILE A 94 -18.21 17.70 -3.30
CA ILE A 94 -18.74 16.36 -3.13
C ILE A 94 -19.95 16.12 -4.01
N GLY A 95 -20.41 14.87 -4.04
CA GLY A 95 -21.57 14.54 -4.84
C GLY A 95 -21.61 13.10 -5.30
N THR A 96 -22.81 12.51 -5.31
CA THR A 96 -22.98 11.13 -5.74
C THR A 96 -22.64 11.00 -7.21
N ILE A 97 -22.52 9.76 -7.67
CA ILE A 97 -22.21 9.48 -9.06
C ILE A 97 -23.25 10.12 -9.98
N GLU A 98 -24.52 10.04 -9.58
CA GLU A 98 -25.59 10.59 -10.40
C GLU A 98 -25.71 12.12 -10.42
N ASP A 99 -25.55 12.76 -9.27
CA ASP A 99 -25.72 14.21 -9.20
C ASP A 99 -24.47 15.09 -9.33
N TYR A 100 -23.30 14.51 -9.10
CA TYR A 100 -22.06 15.28 -9.20
C TYR A 100 -21.97 15.93 -10.59
N ALA A 101 -21.89 17.26 -10.61
CA ALA A 101 -21.81 17.99 -11.88
C ALA A 101 -20.48 17.76 -12.57
N LEU A 102 -20.51 17.54 -13.88
CA LEU A 102 -19.28 17.30 -14.64
C LEU A 102 -18.37 18.52 -14.64
N THR A 103 -18.95 19.70 -14.40
CA THR A 103 -18.16 20.92 -14.34
C THR A 103 -17.37 20.96 -13.02
N GLU A 104 -17.93 20.37 -11.97
CA GLU A 104 -17.25 20.32 -10.66
C GLU A 104 -16.08 19.36 -10.80
N TRP A 105 -16.33 18.24 -11.49
CA TRP A 105 -15.32 17.22 -11.72
C TRP A 105 -14.15 17.82 -12.47
N GLN A 106 -14.46 18.52 -13.56
CA GLN A 106 -13.42 19.17 -14.35
C GLN A 106 -12.69 20.18 -13.49
N ARG A 107 -13.45 20.99 -12.77
CA ARG A 107 -12.89 22.01 -11.89
C ARG A 107 -11.89 21.49 -10.87
N ILE A 108 -12.24 20.41 -10.18
CA ILE A 108 -11.34 19.85 -9.16
C ILE A 108 -10.09 19.23 -9.77
N LEU A 109 -10.21 18.66 -10.98
CA LEU A 109 -9.05 18.09 -11.64
C LEU A 109 -8.11 19.24 -12.01
N ASP A 110 -8.70 20.35 -12.46
CA ASP A 110 -7.94 21.54 -12.86
C ASP A 110 -7.09 22.10 -11.72
N VAL A 111 -7.71 22.33 -10.57
CA VAL A 111 -7.01 22.89 -9.43
C VAL A 111 -6.16 21.90 -8.65
N ASN A 112 -6.80 20.84 -8.17
CA ASN A 112 -6.15 19.81 -7.36
C ASN A 112 -5.11 18.95 -8.06
N LEU A 113 -5.29 18.71 -9.36
CA LEU A 113 -4.35 17.86 -10.10
C LEU A 113 -3.46 18.63 -11.06
N THR A 114 -4.07 19.19 -12.10
CA THR A 114 -3.33 19.95 -13.09
C THR A 114 -2.54 21.07 -12.42
N GLY A 115 -3.15 21.72 -11.43
CA GLY A 115 -2.51 22.80 -10.72
C GLY A 115 -1.20 22.39 -10.07
N VAL A 116 -1.17 21.16 -9.56
CA VAL A 116 0.01 20.60 -8.90
C VAL A 116 1.11 20.38 -9.91
N PHE A 117 0.74 19.82 -11.06
CA PHE A 117 1.71 19.56 -12.12
C PHE A 117 2.28 20.87 -12.65
N LEU A 118 1.42 21.86 -12.85
CA LEU A 118 1.88 23.16 -13.34
C LEU A 118 2.93 23.74 -12.41
N GLY A 119 2.68 23.66 -11.11
CA GLY A 119 3.64 24.19 -10.13
C GLY A 119 5.01 23.56 -10.29
N ILE A 120 5.03 22.24 -10.43
CA ILE A 120 6.28 21.52 -10.61
C ILE A 120 7.01 21.98 -11.87
N ARG A 121 6.28 22.12 -12.96
CA ARG A 121 6.88 22.57 -14.22
C ARG A 121 7.50 23.94 -14.03
N ALA A 122 6.83 24.79 -13.26
CA ALA A 122 7.28 26.16 -13.01
C ALA A 122 8.47 26.33 -12.06
N VAL A 123 8.74 25.33 -11.23
CA VAL A 123 9.85 25.44 -10.28
C VAL A 123 11.08 24.60 -10.59
N VAL A 124 10.96 23.65 -11.51
CA VAL A 124 12.10 22.78 -11.82
C VAL A 124 13.35 23.48 -12.32
N LYS A 125 13.21 24.48 -13.19
CA LYS A 125 14.39 25.17 -13.71
C LYS A 125 15.24 25.81 -12.61
N PRO A 126 14.67 26.72 -11.82
CA PRO A 126 15.48 27.34 -10.76
C PRO A 126 16.01 26.31 -9.75
N MSE A 127 15.26 25.23 -9.54
CA MSE A 127 15.68 24.19 -8.62
C MSE A 127 16.87 23.43 -9.18
O MSE A 127 17.85 23.22 -8.47
CB MSE A 127 14.54 23.21 -8.33
CG MSE A 127 13.67 23.62 -7.17
SE MSE A 127 12.39 22.26 -6.73
CE MSE A 127 11.03 23.38 -5.93
N LYS A 128 16.79 23.01 -10.44
CA LYS A 128 17.89 22.30 -11.06
C LYS A 128 19.13 23.20 -11.11
N GLU A 129 18.93 24.49 -11.36
CA GLU A 129 20.06 25.42 -11.41
C GLU A 129 20.79 25.45 -10.08
N ALA A 130 20.04 25.24 -8.99
CA ALA A 130 20.64 25.23 -7.65
C ALA A 130 21.25 23.87 -7.33
N GLY A 131 20.77 22.81 -7.99
CA GLY A 131 21.28 21.48 -7.75
C GLY A 131 20.73 20.83 -6.48
N ARG A 132 19.76 21.49 -5.87
CA ARG A 132 19.14 20.97 -4.65
C ARG A 132 17.74 21.55 -4.55
N GLY A 133 16.80 20.73 -4.08
CA GLY A 133 15.43 21.20 -3.95
C GLY A 133 14.49 20.20 -3.32
N SER A 134 13.34 20.68 -2.87
CA SER A 134 12.35 19.83 -2.26
C SER A 134 10.94 20.23 -2.66
N ILE A 135 10.24 19.33 -3.32
CA ILE A 135 8.87 19.58 -3.73
C ILE A 135 7.96 18.80 -2.80
N ILE A 136 7.01 19.50 -2.20
CA ILE A 136 6.08 18.90 -1.25
C ILE A 136 4.64 19.00 -1.75
N ASN A 137 4.07 17.85 -2.11
CA ASN A 137 2.71 17.81 -2.63
C ASN A 137 1.70 17.42 -1.55
N ILE A 138 0.67 18.25 -1.41
CA ILE A 138 -0.37 17.99 -0.41
C ILE A 138 -1.47 17.09 -0.91
N SER A 139 -1.41 15.82 -0.54
CA SER A 139 -2.45 14.87 -0.92
C SER A 139 -3.33 14.79 0.33
N SER A 140 -3.76 13.59 0.70
CA SER A 140 -4.57 13.43 1.91
C SER A 140 -4.83 11.95 2.09
N ILE A 141 -5.47 11.57 3.20
CA ILE A 141 -5.78 10.17 3.40
C ILE A 141 -6.86 9.78 2.40
N GLU A 142 -7.51 10.78 1.80
CA GLU A 142 -8.54 10.52 0.80
C GLU A 142 -7.81 10.07 -0.47
N GLY A 143 -6.49 10.18 -0.44
CA GLY A 143 -5.65 9.75 -1.55
C GLY A 143 -5.09 8.36 -1.29
N LEU A 144 -5.48 7.77 -0.16
CA LEU A 144 -5.03 6.43 0.22
C LEU A 144 -6.20 5.44 0.28
N ALA A 145 -7.42 5.96 0.37
CA ALA A 145 -8.61 5.12 0.41
C ALA A 145 -9.77 5.96 -0.11
N GLY A 146 -10.90 5.32 -0.39
CA GLY A 146 -12.04 6.05 -0.91
C GLY A 146 -13.05 6.59 0.09
N THR A 147 -13.94 7.45 -0.41
CA THR A 147 -15.00 8.07 0.38
C THR A 147 -16.25 8.23 -0.50
N VAL A 148 -17.42 7.91 0.05
CA VAL A 148 -18.68 8.02 -0.70
C VAL A 148 -18.95 9.47 -1.14
N ALA A 149 -19.50 9.64 -2.34
CA ALA A 149 -19.83 10.96 -2.88
C ALA A 149 -18.63 11.91 -2.85
N CYS A 150 -17.43 11.36 -3.01
CA CYS A 150 -16.21 12.16 -2.95
C CYS A 150 -15.28 11.73 -4.08
N HIS A 151 -15.86 11.50 -5.25
CA HIS A 151 -15.14 11.02 -6.42
C HIS A 151 -14.09 11.96 -7.01
N GLY A 152 -14.44 13.23 -7.17
CA GLY A 152 -13.48 14.18 -7.70
C GLY A 152 -12.28 14.37 -6.79
N TYR A 153 -12.56 14.61 -5.51
CA TYR A 153 -11.50 14.84 -4.53
C TYR A 153 -10.63 13.59 -4.39
N THR A 154 -11.26 12.44 -4.23
CA THR A 154 -10.53 11.17 -4.11
C THR A 154 -9.61 10.92 -5.30
N ALA A 155 -10.16 11.00 -6.51
CA ALA A 155 -9.37 10.78 -7.72
C ALA A 155 -8.18 11.74 -7.82
N THR A 156 -8.41 13.03 -7.59
CA THR A 156 -7.33 13.99 -7.67
C THR A 156 -6.27 13.77 -6.59
N LYS A 157 -6.71 13.43 -5.37
CA LYS A 157 -5.76 13.20 -4.29
C LYS A 157 -4.93 11.94 -4.54
N PHE A 158 -5.51 10.96 -5.24
CA PHE A 158 -4.77 9.74 -5.56
C PHE A 158 -3.80 10.10 -6.69
N ALA A 159 -4.25 10.98 -7.60
CA ALA A 159 -3.43 11.41 -8.73
C ALA A 159 -2.17 12.14 -8.26
N VAL A 160 -2.31 12.98 -7.24
CA VAL A 160 -1.17 13.71 -6.71
C VAL A 160 -0.16 12.72 -6.12
N ARG A 161 -0.69 11.72 -5.40
CA ARG A 161 0.13 10.68 -4.81
C ARG A 161 1.00 10.02 -5.89
N GLY A 162 0.39 9.74 -7.03
CA GLY A 162 1.12 9.11 -8.12
C GLY A 162 2.08 10.06 -8.83
N LEU A 163 1.64 11.28 -9.09
CA LEU A 163 2.49 12.27 -9.75
C LEU A 163 3.74 12.53 -8.91
N THR A 164 3.57 12.44 -7.58
CA THR A 164 4.67 12.64 -6.65
C THR A 164 5.79 11.66 -6.94
N LYS A 165 5.42 10.43 -7.26
CA LYS A 165 6.39 9.38 -7.54
C LYS A 165 7.09 9.48 -8.89
N SER A 166 6.34 9.72 -9.95
CA SER A 166 6.94 9.82 -11.27
C SER A 166 7.92 10.98 -11.35
N THR A 167 7.52 12.15 -10.87
CA THR A 167 8.39 13.32 -10.91
C THR A 167 9.61 13.15 -10.01
N ALA A 168 9.43 12.44 -8.90
CA ALA A 168 10.53 12.20 -7.96
C ALA A 168 11.62 11.34 -8.59
N LEU A 169 11.22 10.34 -9.35
CA LEU A 169 12.18 9.46 -10.01
C LEU A 169 12.95 10.24 -11.09
N GLU A 170 12.25 11.11 -11.79
CA GLU A 170 12.83 11.90 -12.85
C GLU A 170 13.73 13.02 -12.31
N LEU A 171 13.28 13.68 -11.25
CA LEU A 171 14.04 14.78 -10.65
C LEU A 171 15.14 14.38 -9.68
N GLY A 172 15.12 13.12 -9.23
CA GLY A 172 16.14 12.66 -8.30
C GLY A 172 17.57 12.94 -8.76
N PRO A 173 17.96 12.47 -9.97
CA PRO A 173 19.31 12.70 -10.50
C PRO A 173 19.73 14.17 -10.52
N SER A 174 18.78 15.09 -10.39
CA SER A 174 19.05 16.53 -10.41
C SER A 174 19.23 17.14 -9.03
N GLY A 175 19.03 16.34 -7.99
CA GLY A 175 19.18 16.83 -6.63
C GLY A 175 17.88 17.34 -6.04
N ILE A 176 16.77 17.02 -6.71
CA ILE A 176 15.45 17.44 -6.27
C ILE A 176 14.64 16.28 -5.73
N ARG A 177 14.10 16.44 -4.52
CA ARG A 177 13.29 15.41 -3.90
C ARG A 177 11.81 15.79 -4.04
N VAL A 178 10.95 14.79 -4.17
CA VAL A 178 9.52 15.05 -4.31
C VAL A 178 8.76 14.05 -3.41
N ASN A 179 8.00 14.59 -2.45
CA ASN A 179 7.24 13.76 -1.53
C ASN A 179 5.81 14.27 -1.37
N SER A 180 4.94 13.43 -0.83
CA SER A 180 3.54 13.81 -0.63
C SER A 180 3.14 13.66 0.84
N ILE A 181 2.29 14.59 1.30
CA ILE A 181 1.81 14.57 2.67
C ILE A 181 0.34 14.17 2.65
N HIS A 182 -0.03 13.26 3.55
CA HIS A 182 -1.42 12.79 3.62
C HIS A 182 -1.98 13.01 5.03
N PRO A 183 -2.60 14.17 5.26
CA PRO A 183 -3.14 14.41 6.59
C PRO A 183 -4.61 14.00 6.71
N GLY A 184 -5.05 13.82 7.95
CA GLY A 184 -6.43 13.48 8.20
C GLY A 184 -7.18 14.79 8.36
N LEU A 185 -8.26 14.80 9.15
CA LEU A 185 -9.02 16.03 9.36
C LEU A 185 -8.16 17.08 10.05
N VAL A 186 -8.01 18.24 9.42
CA VAL A 186 -7.23 19.32 10.00
C VAL A 186 -8.19 20.50 10.14
N LYS A 187 -8.04 21.25 11.21
CA LYS A 187 -8.90 22.41 11.46
C LYS A 187 -8.58 23.58 10.53
N THR A 188 -9.34 23.69 9.46
CA THR A 188 -9.16 24.78 8.51
C THR A 188 -10.55 25.13 7.99
N PRO A 189 -10.67 26.25 7.25
CA PRO A 189 -11.99 26.62 6.74
C PRO A 189 -12.58 25.57 5.77
N MSE A 190 -11.72 24.78 5.14
CA MSE A 190 -12.21 23.75 4.23
C MSE A 190 -13.05 22.75 5.02
O MSE A 190 -13.97 22.14 4.47
CB MSE A 190 -11.05 22.99 3.55
CG MSE A 190 -11.52 22.03 2.45
SE MSE A 190 -10.12 20.87 1.69
CE MSE A 190 -10.69 19.21 2.46
N THR A 191 -12.75 22.62 6.30
CA THR A 191 -13.44 21.66 7.15
C THR A 191 -14.28 22.23 8.30
N ASP A 192 -14.51 23.53 8.30
CA ASP A 192 -15.30 24.14 9.37
C ASP A 192 -16.66 23.49 9.54
N TRP A 193 -17.17 22.89 8.47
CA TRP A 193 -18.47 22.24 8.50
C TRP A 193 -18.45 20.75 8.88
N VAL A 194 -17.27 20.20 9.14
CA VAL A 194 -17.17 18.78 9.48
C VAL A 194 -16.81 18.55 10.94
N PRO A 195 -17.52 17.64 11.62
CA PRO A 195 -17.23 17.35 13.02
C PRO A 195 -15.77 16.89 13.18
N GLU A 196 -15.06 17.51 14.13
CA GLU A 196 -13.66 17.21 14.40
C GLU A 196 -13.34 15.75 14.66
N ASP A 197 -14.37 14.92 14.82
CA ASP A 197 -14.14 13.51 15.09
C ASP A 197 -14.88 12.64 14.09
N ILE A 198 -14.88 13.06 12.82
CA ILE A 198 -15.56 12.29 11.79
C ILE A 198 -14.81 10.97 11.51
N PHE A 199 -13.48 11.01 11.62
CA PHE A 199 -12.64 9.83 11.39
C PHE A 199 -12.37 9.08 12.70
N GLN A 200 -12.11 7.78 12.59
CA GLN A 200 -11.77 6.97 13.75
C GLN A 200 -10.26 7.16 13.91
N THR A 201 -9.84 7.95 14.90
CA THR A 201 -8.42 8.18 15.12
C THR A 201 -7.90 7.57 16.42
N ALA A 202 -6.61 7.27 16.45
CA ALA A 202 -5.98 6.70 17.63
C ALA A 202 -5.70 7.79 18.66
N LEU A 203 -5.57 9.03 18.20
CA LEU A 203 -5.29 10.15 19.09
C LEU A 203 -6.56 10.84 19.59
N GLY A 204 -7.70 10.47 19.04
CA GLY A 204 -8.96 11.03 19.48
C GLY A 204 -9.15 12.53 19.32
N ARG A 205 -8.67 13.10 18.21
CA ARG A 205 -8.83 14.53 17.96
C ARG A 205 -8.45 14.88 16.53
N ALA A 206 -8.93 16.04 16.08
CA ALA A 206 -8.61 16.52 14.74
C ALA A 206 -7.23 17.13 14.88
N ALA A 207 -6.60 17.46 13.75
CA ALA A 207 -5.28 18.05 13.79
C ALA A 207 -5.28 19.58 13.76
N GLU A 208 -4.20 20.16 14.26
CA GLU A 208 -4.01 21.60 14.26
C GLU A 208 -3.12 21.82 13.04
N PRO A 209 -3.46 22.80 12.18
CA PRO A 209 -2.64 23.06 11.00
C PRO A 209 -1.13 23.04 11.20
N VAL A 210 -0.65 23.57 12.32
CA VAL A 210 0.79 23.60 12.57
C VAL A 210 1.37 22.20 12.67
N GLU A 211 0.56 21.25 13.13
CA GLU A 211 1.03 19.87 13.25
C GLU A 211 1.39 19.31 11.87
N VAL A 212 0.76 19.84 10.82
CA VAL A 212 1.08 19.39 9.47
C VAL A 212 2.24 20.25 8.95
N SER A 213 2.30 21.50 9.41
CA SER A 213 3.37 22.39 9.01
C SER A 213 4.72 21.88 9.50
N ASN A 214 4.72 21.15 10.61
CA ASN A 214 5.96 20.61 11.15
C ASN A 214 6.54 19.59 10.17
N LEU A 215 5.65 18.83 9.54
CA LEU A 215 6.06 17.83 8.56
C LEU A 215 6.58 18.55 7.30
N VAL A 216 5.90 19.63 6.93
CA VAL A 216 6.31 20.41 5.76
C VAL A 216 7.71 20.97 5.99
N VAL A 217 7.97 21.42 7.22
CA VAL A 217 9.27 21.96 7.58
C VAL A 217 10.35 20.88 7.45
N TYR A 218 10.07 19.70 8.01
CA TYR A 218 11.00 18.58 7.95
C TYR A 218 11.32 18.15 6.52
N LEU A 219 10.29 18.09 5.67
CA LEU A 219 10.48 17.68 4.28
C LEU A 219 11.16 18.76 3.46
N ALA A 220 11.02 20.01 3.88
CA ALA A 220 11.64 21.11 3.16
C ALA A 220 13.12 21.19 3.49
N SER A 221 13.50 20.80 4.71
CA SER A 221 14.90 20.87 5.13
C SER A 221 15.72 19.74 4.54
N ASP A 222 17.04 19.86 4.66
CA ASP A 222 17.94 18.85 4.13
C ASP A 222 18.01 17.67 5.09
N GLU A 223 17.25 17.74 6.18
CA GLU A 223 17.20 16.67 7.17
C GLU A 223 16.59 15.42 6.53
N SER A 224 15.62 15.64 5.65
CA SER A 224 14.93 14.53 4.97
C SER A 224 15.62 14.21 3.64
N SER A 225 16.92 14.46 3.57
CA SER A 225 17.72 14.24 2.38
C SER A 225 17.63 12.87 1.69
N TYR A 226 17.29 11.82 2.42
CA TYR A 226 17.21 10.51 1.76
C TYR A 226 15.79 10.06 1.50
N SER A 227 14.84 10.97 1.66
CA SER A 227 13.43 10.65 1.41
C SER A 227 12.92 11.33 0.15
N THR A 228 12.47 10.52 -0.80
CA THR A 228 11.89 11.05 -2.02
C THR A 228 10.90 10.04 -2.61
N GLY A 229 9.81 10.56 -3.17
CA GLY A 229 8.78 9.71 -3.75
C GLY A 229 7.93 9.02 -2.69
N ALA A 230 8.13 9.42 -1.44
CA ALA A 230 7.44 8.80 -0.31
C ALA A 230 6.21 9.53 0.22
N GLU A 231 5.30 8.75 0.79
CA GLU A 231 4.06 9.25 1.36
C GLU A 231 4.22 9.44 2.87
N PHE A 232 3.94 10.66 3.34
CA PHE A 232 4.05 10.95 4.77
C PHE A 232 2.67 11.21 5.33
N VAL A 233 2.17 10.23 6.08
CA VAL A 233 0.86 10.30 6.69
C VAL A 233 0.86 10.95 8.05
N VAL A 234 -0.04 11.91 8.23
CA VAL A 234 -0.18 12.64 9.48
C VAL A 234 -1.69 12.69 9.70
N ASP A 235 -2.24 11.58 10.19
CA ASP A 235 -3.68 11.45 10.37
C ASP A 235 -4.18 10.92 11.72
N GLY A 236 -3.38 11.07 12.78
CA GLY A 236 -3.83 10.59 14.07
C GLY A 236 -4.07 9.08 14.14
N GLY A 237 -3.60 8.37 13.11
CA GLY A 237 -3.73 6.92 13.09
C GLY A 237 -4.86 6.30 12.27
N THR A 238 -5.74 7.13 11.71
CA THR A 238 -6.87 6.64 10.93
C THR A 238 -6.62 5.48 9.95
N VAL A 239 -5.74 5.68 8.98
CA VAL A 239 -5.49 4.63 8.01
C VAL A 239 -4.70 3.44 8.55
N ALA A 240 -4.23 3.55 9.79
CA ALA A 240 -3.48 2.48 10.43
C ALA A 240 -4.41 1.37 10.93
N GLY A 241 -5.69 1.69 11.07
CA GLY A 241 -6.65 0.72 11.54
C GLY A 241 -7.71 0.35 10.51
N LEU A 242 -8.61 -0.57 10.88
CA LEU A 242 -9.68 -1.00 9.98
C LEU A 242 -10.99 -0.31 10.35
N ALA A 243 -11.79 0.02 9.34
CA ALA A 243 -13.07 0.70 9.56
C ALA A 243 -14.09 -0.19 10.26
N HIS A 244 -14.41 0.17 11.51
CA HIS A 244 -15.37 -0.57 12.33
C HIS A 244 -16.68 0.17 12.54
N ASN A 245 -17.71 -0.58 12.96
CA ASN A 245 -19.02 -0.02 13.23
C ASN A 245 -19.25 0.03 14.73
N SER B 2 18.55 22.03 17.08
CA SER B 2 19.16 21.91 18.43
C SER B 2 18.11 22.09 19.53
N GLY B 3 18.24 21.30 20.59
CA GLY B 3 17.33 21.36 21.72
C GLY B 3 15.95 20.83 21.39
N ARG B 4 15.80 20.20 20.23
CA ARG B 4 14.51 19.67 19.81
C ARG B 4 14.00 18.48 20.64
N LEU B 5 14.89 17.84 21.38
CA LEU B 5 14.49 16.71 22.22
C LEU B 5 14.78 16.99 23.69
N THR B 6 15.04 18.26 24.02
CA THR B 6 15.32 18.65 25.40
C THR B 6 14.19 18.17 26.31
N GLY B 7 14.55 17.61 27.46
CA GLY B 7 13.55 17.14 28.40
C GLY B 7 13.08 15.72 28.12
N LYS B 8 13.53 15.14 27.03
CA LYS B 8 13.13 13.80 26.67
C LYS B 8 14.17 12.72 26.98
N VAL B 9 13.70 11.56 27.41
CA VAL B 9 14.57 10.44 27.72
C VAL B 9 14.28 9.33 26.71
N ALA B 10 15.32 8.73 26.17
CA ALA B 10 15.13 7.67 25.18
C ALA B 10 15.91 6.40 25.49
N LEU B 11 15.43 5.31 24.90
CA LEU B 11 16.05 3.99 25.01
C LEU B 11 16.21 3.49 23.57
N VAL B 12 17.46 3.18 23.20
CA VAL B 12 17.77 2.70 21.86
C VAL B 12 18.34 1.29 21.91
N SER B 13 17.63 0.32 21.33
CA SER B 13 18.11 -1.06 21.30
C SER B 13 19.12 -1.14 20.15
N GLY B 14 20.14 -1.98 20.30
CA GLY B 14 21.16 -2.12 19.28
C GLY B 14 21.89 -0.81 19.02
N GLY B 15 22.13 -0.03 20.07
CA GLY B 15 22.79 1.25 19.88
C GLY B 15 24.31 1.29 19.98
N ALA B 16 24.97 0.13 19.97
CA ALA B 16 26.42 0.08 20.09
C ALA B 16 27.18 0.49 18.83
N ARG B 17 26.61 0.24 17.65
CA ARG B 17 27.28 0.61 16.41
C ARG B 17 26.22 0.87 15.34
N GLY B 18 26.65 1.03 14.10
CA GLY B 18 25.74 1.24 13.00
C GLY B 18 24.74 2.36 13.21
N MSE B 19 23.53 2.19 12.68
CA MSE B 19 22.50 3.21 12.82
C MSE B 19 22.12 3.49 14.26
O MSE B 19 21.80 4.62 14.61
CB MSE B 19 21.25 2.82 12.02
CG MSE B 19 21.22 3.37 10.62
SE MSE B 19 19.57 2.99 9.68
CE MSE B 19 20.09 1.30 8.95
N GLY B 20 22.14 2.45 15.09
CA GLY B 20 21.79 2.64 16.48
C GLY B 20 22.70 3.67 17.14
N ALA B 21 23.99 3.53 16.89
CA ALA B 21 24.98 4.45 17.44
C ALA B 21 24.69 5.85 16.95
N SER B 22 24.33 5.96 15.67
CA SER B 22 24.02 7.24 15.04
C SER B 22 22.81 7.90 15.69
N HIS B 23 21.79 7.10 16.00
CA HIS B 23 20.58 7.64 16.63
C HIS B 23 20.92 8.16 18.02
N VAL B 24 21.74 7.41 18.74
CA VAL B 24 22.14 7.80 20.09
C VAL B 24 22.84 9.16 20.07
N ARG B 25 23.82 9.31 19.20
CA ARG B 25 24.54 10.57 19.11
C ARG B 25 23.65 11.69 18.62
N ALA B 26 22.80 11.41 17.64
CA ALA B 26 21.90 12.41 17.08
C ALA B 26 20.91 12.95 18.11
N MSE B 27 20.34 12.07 18.92
CA MSE B 27 19.38 12.52 19.93
C MSE B 27 20.05 13.23 21.10
O MSE B 27 19.48 14.18 21.65
CB MSE B 27 18.53 11.34 20.42
CG MSE B 27 17.52 10.87 19.39
SE MSE B 27 16.33 9.52 20.07
CE MSE B 27 17.60 8.09 20.01
N VAL B 28 21.25 12.79 21.47
CA VAL B 28 21.97 13.46 22.56
C VAL B 28 22.24 14.89 22.11
N ALA B 29 22.68 15.03 20.86
CA ALA B 29 22.98 16.34 20.29
C ALA B 29 21.76 17.25 20.31
N GLU B 30 20.57 16.65 20.39
CA GLU B 30 19.35 17.44 20.42
C GLU B 30 18.77 17.58 21.83
N GLY B 31 19.62 17.38 22.83
CA GLY B 31 19.17 17.54 24.22
C GLY B 31 18.50 16.37 24.91
N ALA B 32 18.54 15.19 24.31
CA ALA B 32 17.91 14.05 24.95
C ALA B 32 18.91 13.28 25.81
N LYS B 33 18.39 12.59 26.81
CA LYS B 33 19.22 11.75 27.66
C LYS B 33 18.97 10.38 27.05
N VAL B 34 20.04 9.64 26.76
CA VAL B 34 19.83 8.35 26.12
C VAL B 34 20.41 7.11 26.78
N VAL B 35 19.56 6.10 26.94
CA VAL B 35 20.00 4.82 27.46
C VAL B 35 20.03 3.94 26.21
N PHE B 36 21.15 3.33 25.92
CA PHE B 36 21.23 2.46 24.76
C PHE B 36 21.77 1.09 25.14
N GLY B 37 21.10 0.04 24.65
CA GLY B 37 21.52 -1.31 24.96
C GLY B 37 22.01 -2.09 23.75
N ASP B 38 22.80 -3.12 24.02
CA ASP B 38 23.35 -3.97 22.96
C ASP B 38 23.99 -5.20 23.58
N ILE B 39 24.66 -5.99 22.76
CA ILE B 39 25.34 -7.19 23.21
C ILE B 39 26.83 -7.00 22.97
N LEU B 40 27.18 -5.87 22.38
CA LEU B 40 28.58 -5.55 22.11
C LEU B 40 29.04 -4.60 23.21
N ASP B 41 29.23 -5.17 24.40
CA ASP B 41 29.65 -4.42 25.57
C ASP B 41 30.89 -3.54 25.38
N GLU B 42 31.94 -4.08 24.77
CA GLU B 42 33.15 -3.31 24.54
C GLU B 42 32.81 -2.03 23.79
N GLU B 43 32.16 -2.19 22.64
CA GLU B 43 31.78 -1.05 21.83
C GLU B 43 30.80 -0.12 22.56
N GLY B 44 29.85 -0.70 23.27
CA GLY B 44 28.89 0.08 24.01
C GLY B 44 29.51 0.92 25.11
N LYS B 45 30.47 0.34 25.83
CA LYS B 45 31.13 1.04 26.91
C LYS B 45 32.09 2.11 26.38
N ALA B 46 32.53 1.94 25.15
CA ALA B 46 33.45 2.90 24.53
C ALA B 46 32.73 4.21 24.22
N MSE B 47 31.57 4.13 23.59
CA MSE B 47 30.86 5.36 23.28
C MSE B 47 30.18 5.91 24.53
O MSE B 47 29.91 7.10 24.62
CB MSE B 47 29.85 5.16 22.14
CG MSE B 47 28.94 3.95 22.22
SE MSE B 47 27.95 3.73 20.54
CE MSE B 47 26.64 5.14 20.78
N ALA B 48 29.93 5.04 25.51
CA ALA B 48 29.32 5.49 26.75
C ALA B 48 30.27 6.48 27.42
N ALA B 49 31.57 6.27 27.20
CA ALA B 49 32.61 7.11 27.75
C ALA B 49 32.57 8.52 27.15
N GLU B 50 32.50 8.58 25.82
CA GLU B 50 32.45 9.86 25.13
C GLU B 50 31.18 10.65 25.42
N LEU B 51 30.05 9.96 25.52
CA LEU B 51 28.79 10.63 25.78
C LEU B 51 28.66 11.11 27.24
N ALA B 52 29.37 10.45 28.15
CA ALA B 52 29.35 10.81 29.57
C ALA B 52 27.98 10.78 30.25
N ASP B 53 27.67 11.82 31.01
CA ASP B 53 26.42 11.91 31.77
C ASP B 53 25.12 11.97 30.95
N ALA B 54 25.22 12.24 29.66
CA ALA B 54 24.02 12.32 28.80
C ALA B 54 23.53 10.95 28.35
N ALA B 55 24.33 9.92 28.59
CA ALA B 55 23.93 8.59 28.18
C ALA B 55 24.28 7.52 29.21
N ARG B 56 23.83 6.30 28.92
CA ARG B 56 24.09 5.15 29.78
C ARG B 56 24.05 3.89 28.92
N TYR B 57 25.14 3.14 28.92
CA TYR B 57 25.16 1.90 28.16
C TYR B 57 24.75 0.77 29.09
N VAL B 58 23.91 -0.12 28.58
CA VAL B 58 23.46 -1.26 29.36
C VAL B 58 23.50 -2.48 28.43
N HIS B 59 23.88 -3.62 28.98
CA HIS B 59 23.89 -4.82 28.17
C HIS B 59 22.42 -5.20 27.98
N LEU B 60 22.00 -5.39 26.74
CA LEU B 60 20.62 -5.73 26.47
C LEU B 60 20.42 -6.65 25.27
N ASP B 61 20.01 -7.88 25.53
CA ASP B 61 19.71 -8.87 24.48
C ASP B 61 18.21 -8.70 24.31
N VAL B 62 17.78 -8.07 23.21
CA VAL B 62 16.36 -7.80 23.00
C VAL B 62 15.41 -8.98 23.14
N THR B 63 15.94 -10.19 23.14
CA THR B 63 15.10 -11.38 23.28
C THR B 63 14.87 -11.73 24.76
N GLN B 64 15.50 -10.96 25.66
CA GLN B 64 15.41 -11.19 27.11
C GLN B 64 14.56 -10.14 27.82
N PRO B 65 13.33 -10.51 28.24
CA PRO B 65 12.50 -9.51 28.94
C PRO B 65 13.08 -8.93 30.22
N ALA B 66 13.81 -9.74 30.97
CA ALA B 66 14.39 -9.25 32.22
C ALA B 66 15.41 -8.16 31.93
N GLN B 67 16.10 -8.29 30.78
CA GLN B 67 17.09 -7.31 30.40
C GLN B 67 16.43 -6.01 29.92
N TRP B 68 15.28 -6.13 29.25
CA TRP B 68 14.55 -4.95 28.80
C TRP B 68 14.13 -4.18 30.05
N LYS B 69 13.63 -4.91 31.04
CA LYS B 69 13.18 -4.33 32.29
C LYS B 69 14.30 -3.52 32.94
N ALA B 70 15.49 -4.13 33.04
CA ALA B 70 16.62 -3.46 33.64
C ALA B 70 17.02 -2.21 32.86
N ALA B 71 17.00 -2.29 31.54
CA ALA B 71 17.35 -1.14 30.71
C ALA B 71 16.36 0.00 30.96
N VAL B 72 15.09 -0.34 31.10
CA VAL B 72 14.06 0.66 31.34
C VAL B 72 14.23 1.24 32.75
N ASP B 73 14.54 0.40 33.72
CA ASP B 73 14.76 0.86 35.10
C ASP B 73 15.95 1.80 35.14
N THR B 74 16.92 1.57 34.26
CA THR B 74 18.11 2.41 34.19
C THR B 74 17.72 3.83 33.75
N ALA B 75 16.91 3.91 32.69
CA ALA B 75 16.45 5.18 32.16
C ALA B 75 15.63 5.98 33.17
N VAL B 76 14.64 5.33 33.75
CA VAL B 76 13.77 5.98 34.73
C VAL B 76 14.59 6.50 35.92
N THR B 77 15.40 5.64 36.50
CA THR B 77 16.21 6.05 37.64
C THR B 77 17.30 7.06 37.31
N ALA B 78 18.08 6.78 36.26
CA ALA B 78 19.16 7.69 35.87
C ALA B 78 18.69 9.03 35.32
N PHE B 79 17.59 9.03 34.57
CA PHE B 79 17.12 10.25 33.95
C PHE B 79 15.74 10.78 34.34
N GLY B 80 15.04 10.06 35.23
CA GLY B 80 13.73 10.53 35.67
C GLY B 80 12.51 10.03 34.91
N GLY B 81 12.72 9.27 33.84
CA GLY B 81 11.58 8.77 33.09
C GLY B 81 11.97 8.26 31.71
N LEU B 82 10.98 7.85 30.93
CA LEU B 82 11.23 7.34 29.59
C LEU B 82 10.12 7.82 28.66
N HIS B 83 10.51 8.44 27.55
CA HIS B 83 9.53 8.97 26.61
C HIS B 83 9.71 8.48 25.18
N VAL B 84 10.86 7.88 24.89
CA VAL B 84 11.14 7.42 23.54
C VAL B 84 11.79 6.05 23.47
N LEU B 85 11.34 5.24 22.51
CA LEU B 85 11.90 3.92 22.29
C LEU B 85 12.18 3.72 20.82
N VAL B 86 13.44 3.47 20.50
CA VAL B 86 13.79 3.21 19.11
C VAL B 86 14.16 1.73 19.06
N ASN B 87 13.25 0.91 18.53
CA ASN B 87 13.48 -0.52 18.41
C ASN B 87 14.33 -0.74 17.17
N ASN B 88 15.63 -0.53 17.36
CA ASN B 88 16.60 -0.63 16.28
C ASN B 88 17.39 -1.93 16.18
N ALA B 89 17.52 -2.66 17.28
CA ALA B 89 18.27 -3.91 17.27
C ALA B 89 17.72 -4.87 16.21
N GLY B 90 18.64 -5.49 15.47
CA GLY B 90 18.22 -6.43 14.45
C GLY B 90 19.41 -7.15 13.83
N ILE B 91 19.10 -8.23 13.13
CA ILE B 91 20.13 -9.02 12.45
C ILE B 91 19.62 -9.36 11.05
N LEU B 92 20.53 -9.82 10.20
CA LEU B 92 20.18 -10.19 8.84
C LEU B 92 20.79 -11.54 8.50
N ASN B 93 19.95 -12.45 8.00
CA ASN B 93 20.44 -13.75 7.56
C ASN B 93 19.70 -14.01 6.25
N ILE B 94 20.27 -14.87 5.40
CA ILE B 94 19.67 -15.16 4.11
C ILE B 94 19.73 -16.65 3.78
N GLY B 95 19.01 -17.04 2.74
CA GLY B 95 18.99 -18.42 2.33
C GLY B 95 17.74 -18.74 1.54
N THR B 96 17.87 -19.66 0.59
CA THR B 96 16.76 -20.06 -0.25
C THR B 96 15.78 -20.88 0.57
N ILE B 97 14.56 -21.00 0.05
CA ILE B 97 13.51 -21.77 0.71
C ILE B 97 14.03 -23.12 1.19
N GLU B 98 14.95 -23.73 0.44
CA GLU B 98 15.49 -25.03 0.83
C GLU B 98 16.74 -24.99 1.70
N ASP B 99 17.61 -24.00 1.48
CA ASP B 99 18.87 -23.92 2.23
C ASP B 99 18.83 -23.15 3.56
N TYR B 100 17.80 -22.34 3.73
CA TYR B 100 17.63 -21.55 4.96
C TYR B 100 17.32 -22.49 6.14
N ALA B 101 18.16 -22.44 7.18
CA ALA B 101 17.97 -23.29 8.36
C ALA B 101 16.84 -22.80 9.27
N LEU B 102 16.00 -23.72 9.71
CA LEU B 102 14.88 -23.36 10.57
C LEU B 102 15.36 -22.62 11.81
N THR B 103 16.58 -22.92 12.23
CA THR B 103 17.18 -22.27 13.38
C THR B 103 17.44 -20.80 13.05
N GLU B 104 17.84 -20.53 11.80
CA GLU B 104 18.11 -19.15 11.38
C GLU B 104 16.77 -18.42 11.35
N TRP B 105 15.72 -19.14 10.93
CA TRP B 105 14.39 -18.58 10.85
C TRP B 105 13.87 -18.19 12.25
N GLN B 106 13.99 -19.11 13.21
CA GLN B 106 13.55 -18.83 14.56
C GLN B 106 14.35 -17.67 15.12
N ARG B 107 15.67 -17.77 14.99
CA ARG B 107 16.56 -16.72 15.49
C ARG B 107 16.18 -15.32 15.01
N ILE B 108 15.91 -15.16 13.72
CA ILE B 108 15.55 -13.83 13.24
C ILE B 108 14.15 -13.42 13.72
N LEU B 109 13.25 -14.38 13.87
CA LEU B 109 11.92 -14.09 14.37
C LEU B 109 12.06 -13.59 15.81
N ASP B 110 12.93 -14.26 16.58
CA ASP B 110 13.19 -13.91 17.97
C ASP B 110 13.71 -12.49 18.14
N VAL B 111 14.73 -12.14 17.36
CA VAL B 111 15.35 -10.82 17.46
C VAL B 111 14.62 -9.66 16.83
N ASN B 112 14.35 -9.77 15.53
CA ASN B 112 13.69 -8.72 14.75
C ASN B 112 12.21 -8.50 15.02
N LEU B 113 11.53 -9.54 15.48
CA LEU B 113 10.10 -9.42 15.72
C LEU B 113 9.72 -9.47 17.20
N THR B 114 10.01 -10.58 17.85
CA THR B 114 9.71 -10.74 19.27
C THR B 114 10.43 -9.68 20.11
N GLY B 115 11.68 -9.37 19.74
CA GLY B 115 12.45 -8.38 20.46
C GLY B 115 11.80 -7.00 20.44
N VAL B 116 11.24 -6.63 19.29
CA VAL B 116 10.57 -5.34 19.15
C VAL B 116 9.34 -5.34 20.05
N PHE B 117 8.60 -6.44 20.03
CA PHE B 117 7.41 -6.56 20.86
C PHE B 117 7.76 -6.49 22.34
N LEU B 118 8.87 -7.10 22.74
CA LEU B 118 9.27 -7.08 24.14
C LEU B 118 9.70 -5.67 24.53
N GLY B 119 10.28 -4.93 23.59
CA GLY B 119 10.68 -3.58 23.88
C GLY B 119 9.46 -2.74 24.20
N ILE B 120 8.41 -2.89 23.39
CA ILE B 120 7.15 -2.16 23.59
C ILE B 120 6.49 -2.52 24.93
N ARG B 121 6.46 -3.80 25.25
CA ARG B 121 5.86 -4.24 26.51
C ARG B 121 6.61 -3.65 27.69
N ALA B 122 7.91 -3.47 27.53
CA ALA B 122 8.76 -2.92 28.59
C ALA B 122 8.62 -1.43 28.82
N VAL B 123 8.39 -0.68 27.75
CA VAL B 123 8.31 0.77 27.87
C VAL B 123 6.94 1.42 28.10
N VAL B 124 5.86 0.67 27.92
CA VAL B 124 4.52 1.24 28.07
C VAL B 124 4.15 1.84 29.43
N LYS B 125 4.55 1.20 30.53
CA LYS B 125 4.21 1.74 31.85
C LYS B 125 4.74 3.15 32.10
N PRO B 126 6.08 3.34 32.06
CA PRO B 126 6.61 4.68 32.30
C PRO B 126 6.15 5.71 31.27
N MSE B 127 5.86 5.26 30.05
CA MSE B 127 5.39 6.16 29.01
C MSE B 127 3.97 6.60 29.32
O MSE B 127 3.61 7.77 29.17
CB MSE B 127 5.44 5.49 27.65
CG MSE B 127 6.56 5.98 26.77
SE MSE B 127 6.62 5.12 25.03
CE MSE B 127 8.50 5.30 24.70
N LYS B 128 3.14 5.64 29.73
CA LYS B 128 1.76 5.93 30.05
C LYS B 128 1.66 6.83 31.28
N GLU B 129 2.64 6.71 32.18
CA GLU B 129 2.64 7.54 33.38
C GLU B 129 2.91 9.00 33.01
N ALA B 130 3.79 9.19 32.04
CA ALA B 130 4.13 10.53 31.58
C ALA B 130 3.02 11.14 30.73
N GLY B 131 2.23 10.30 30.08
CA GLY B 131 1.14 10.78 29.25
C GLY B 131 1.54 11.15 27.84
N ARG B 132 2.83 11.04 27.53
CA ARG B 132 3.36 11.35 26.21
C ARG B 132 4.59 10.51 25.88
N GLY B 133 4.49 9.74 24.81
CA GLY B 133 5.60 8.90 24.38
C GLY B 133 5.62 8.68 22.88
N SER B 134 6.75 8.19 22.39
CA SER B 134 6.91 7.91 20.97
C SER B 134 7.74 6.66 20.77
N ILE B 135 7.14 5.65 20.14
CA ILE B 135 7.84 4.41 19.88
C ILE B 135 8.19 4.38 18.39
N ILE B 136 9.48 4.23 18.11
CA ILE B 136 9.98 4.20 16.74
C ILE B 136 10.53 2.82 16.38
N ASN B 137 9.77 2.09 15.56
CA ASN B 137 10.17 0.74 15.15
C ASN B 137 10.92 0.73 13.84
N ILE B 138 12.11 0.15 13.83
CA ILE B 138 12.89 0.10 12.59
C ILE B 138 12.56 -1.10 11.72
N SER B 139 11.83 -0.82 10.64
CA SER B 139 11.46 -1.83 9.68
C SER B 139 12.45 -1.61 8.54
N SER B 140 11.98 -1.70 7.30
CA SER B 140 12.83 -1.46 6.14
C SER B 140 11.95 -1.58 4.90
N ILE B 141 12.52 -1.31 3.73
CA ILE B 141 11.73 -1.44 2.51
C ILE B 141 11.45 -2.91 2.25
N GLU B 142 12.21 -3.79 2.93
CA GLU B 142 12.00 -5.22 2.80
C GLU B 142 10.71 -5.53 3.55
N GLY B 143 10.20 -4.54 4.28
CA GLY B 143 8.94 -4.73 5.00
C GLY B 143 7.81 -4.19 4.15
N LEU B 144 8.14 -3.82 2.90
CA LEU B 144 7.18 -3.26 1.97
C LEU B 144 7.09 -4.08 0.68
N ALA B 145 8.13 -4.86 0.39
CA ALA B 145 8.16 -5.71 -0.79
C ALA B 145 9.10 -6.88 -0.48
N GLY B 146 9.07 -7.91 -1.31
CA GLY B 146 9.91 -9.08 -1.09
C GLY B 146 11.28 -9.07 -1.73
N THR B 147 12.12 -10.01 -1.30
CA THR B 147 13.46 -10.17 -1.80
C THR B 147 13.78 -11.66 -1.82
N VAL B 148 14.38 -12.12 -2.91
CA VAL B 148 14.74 -13.53 -3.06
C VAL B 148 15.69 -13.96 -1.94
N ALA B 149 15.51 -15.17 -1.43
CA ALA B 149 16.38 -15.72 -0.38
C ALA B 149 16.48 -14.83 0.84
N CYS B 150 15.39 -14.16 1.18
CA CYS B 150 15.37 -13.23 2.30
C CYS B 150 14.02 -13.35 3.03
N HIS B 151 13.58 -14.59 3.19
CA HIS B 151 12.30 -14.92 3.81
C HIS B 151 12.14 -14.55 5.29
N GLY B 152 13.10 -14.90 6.12
CA GLY B 152 13.02 -14.56 7.52
C GLY B 152 13.12 -13.05 7.72
N TYR B 153 14.06 -12.42 7.02
CA TYR B 153 14.23 -10.97 7.16
C TYR B 153 12.96 -10.25 6.70
N THR B 154 12.47 -10.62 5.52
CA THR B 154 11.26 -10.02 4.96
C THR B 154 10.06 -10.23 5.87
N ALA B 155 9.87 -11.47 6.32
CA ALA B 155 8.74 -11.82 7.20
C ALA B 155 8.72 -10.96 8.47
N THR B 156 9.88 -10.81 9.12
CA THR B 156 9.95 -10.01 10.33
C THR B 156 9.78 -8.51 10.08
N LYS B 157 10.39 -7.98 9.01
CA LYS B 157 10.26 -6.54 8.73
C LYS B 157 8.81 -6.20 8.35
N PHE B 158 8.10 -7.15 7.76
CA PHE B 158 6.69 -6.95 7.43
C PHE B 158 5.90 -7.04 8.74
N ALA B 159 6.32 -7.96 9.62
CA ALA B 159 5.66 -8.15 10.93
C ALA B 159 5.77 -6.88 11.79
N VAL B 160 6.96 -6.30 11.84
CA VAL B 160 7.19 -5.07 12.62
C VAL B 160 6.30 -3.95 12.07
N ARG B 161 6.17 -3.90 10.75
CA ARG B 161 5.34 -2.91 10.07
C ARG B 161 3.91 -3.01 10.60
N GLY B 162 3.45 -4.25 10.77
CA GLY B 162 2.11 -4.48 11.28
C GLY B 162 1.96 -4.23 12.78
N LEU B 163 2.94 -4.69 13.56
CA LEU B 163 2.90 -4.51 15.02
C LEU B 163 2.83 -3.02 15.36
N THR B 164 3.43 -2.21 14.50
CA THR B 164 3.44 -0.76 14.66
C THR B 164 2.01 -0.22 14.62
N LYS B 165 1.24 -0.73 13.67
CA LYS B 165 -0.14 -0.28 13.50
C LYS B 165 -1.05 -0.68 14.66
N SER B 166 -1.05 -1.97 15.03
CA SER B 166 -1.90 -2.41 16.13
C SER B 166 -1.54 -1.73 17.47
N THR B 167 -0.25 -1.61 17.77
CA THR B 167 0.14 -0.96 19.01
C THR B 167 -0.13 0.55 18.99
N ALA B 168 -0.03 1.16 17.80
CA ALA B 168 -0.29 2.60 17.68
C ALA B 168 -1.75 2.87 18.00
N LEU B 169 -2.61 2.00 17.49
CA LEU B 169 -4.04 2.12 17.72
C LEU B 169 -4.39 1.98 19.19
N GLU B 170 -3.77 1.03 19.86
CA GLU B 170 -4.05 0.79 21.26
C GLU B 170 -3.46 1.84 22.21
N LEU B 171 -2.26 2.31 21.91
CA LEU B 171 -1.60 3.28 22.78
C LEU B 171 -1.93 4.73 22.50
N GLY B 172 -2.61 4.98 21.37
CA GLY B 172 -2.96 6.33 21.02
C GLY B 172 -3.69 7.06 22.15
N PRO B 173 -4.77 6.47 22.68
CA PRO B 173 -5.54 7.07 23.77
C PRO B 173 -4.71 7.41 25.00
N SER B 174 -3.54 6.79 25.13
CA SER B 174 -2.65 7.03 26.27
C SER B 174 -1.64 8.14 25.99
N GLY B 175 -1.69 8.71 24.79
CA GLY B 175 -0.78 9.78 24.43
C GLY B 175 0.54 9.26 23.90
N ILE B 176 0.55 8.02 23.46
CA ILE B 176 1.75 7.40 22.93
C ILE B 176 1.64 7.13 21.43
N ARG B 177 2.63 7.59 20.68
CA ARG B 177 2.66 7.39 19.24
C ARG B 177 3.62 6.28 18.87
N VAL B 178 3.28 5.53 17.84
CA VAL B 178 4.11 4.42 17.36
C VAL B 178 4.17 4.47 15.84
N ASN B 179 5.38 4.62 15.31
CA ASN B 179 5.57 4.70 13.86
C ASN B 179 6.73 3.81 13.42
N SER B 180 6.75 3.45 12.14
CA SER B 180 7.81 2.60 11.62
C SER B 180 8.64 3.32 10.56
N ILE B 181 9.96 3.09 10.62
CA ILE B 181 10.90 3.68 9.67
C ILE B 181 11.34 2.60 8.67
N HIS B 182 11.27 2.91 7.37
CA HIS B 182 11.65 1.95 6.34
C HIS B 182 12.76 2.45 5.42
N PRO B 183 14.03 2.19 5.78
CA PRO B 183 15.11 2.66 4.91
C PRO B 183 15.58 1.73 3.80
N GLY B 184 16.25 2.32 2.82
CA GLY B 184 16.81 1.56 1.73
C GLY B 184 18.19 1.18 2.23
N LEU B 185 19.17 1.04 1.34
CA LEU B 185 20.51 0.66 1.77
C LEU B 185 21.19 1.79 2.53
N VAL B 186 21.67 1.48 3.73
CA VAL B 186 22.37 2.43 4.59
C VAL B 186 23.76 1.88 4.89
N LYS B 187 24.77 2.75 4.90
CA LYS B 187 26.15 2.32 5.15
C LYS B 187 26.37 1.91 6.61
N THR B 188 26.31 0.61 6.87
CA THR B 188 26.53 0.09 8.22
C THR B 188 27.21 -1.27 8.08
N PRO B 189 27.74 -1.81 9.19
CA PRO B 189 28.40 -3.12 9.06
C PRO B 189 27.47 -4.23 8.56
N MSE B 190 26.16 -4.02 8.70
CA MSE B 190 25.20 -5.03 8.25
C MSE B 190 25.19 -5.17 6.73
O MSE B 190 24.83 -6.22 6.20
CB MSE B 190 23.79 -4.69 8.73
CG MSE B 190 22.77 -5.80 8.42
SE MSE B 190 20.89 -5.38 8.74
CE MSE B 190 20.33 -5.19 6.89
N THR B 191 25.59 -4.12 6.03
CA THR B 191 25.57 -4.15 4.57
C THR B 191 26.84 -3.73 3.86
N ASP B 192 27.96 -3.67 4.57
CA ASP B 192 29.22 -3.27 3.93
C ASP B 192 29.62 -4.25 2.82
N TRP B 193 29.07 -5.46 2.86
CA TRP B 193 29.39 -6.45 1.82
C TRP B 193 28.43 -6.31 0.65
N VAL B 194 27.49 -5.38 0.76
CA VAL B 194 26.48 -5.15 -0.28
C VAL B 194 26.84 -3.95 -1.15
N PRO B 195 26.86 -4.13 -2.49
CA PRO B 195 27.19 -3.00 -3.35
C PRO B 195 26.24 -1.83 -3.07
N GLU B 196 26.82 -0.64 -2.89
CA GLU B 196 26.06 0.56 -2.57
C GLU B 196 25.00 1.01 -3.55
N ASP B 197 25.03 0.47 -4.76
CA ASP B 197 24.04 0.83 -5.75
C ASP B 197 23.16 -0.38 -6.03
N ILE B 198 22.99 -1.24 -5.02
CA ILE B 198 22.18 -2.44 -5.18
C ILE B 198 20.73 -2.13 -5.59
N PHE B 199 20.15 -1.08 -5.01
CA PHE B 199 18.77 -0.72 -5.33
C PHE B 199 18.70 0.37 -6.40
N GLN B 200 17.62 0.38 -7.16
CA GLN B 200 17.44 1.41 -8.17
C GLN B 200 16.81 2.59 -7.42
N THR B 201 17.65 3.57 -7.07
CA THR B 201 17.22 4.75 -6.34
C THR B 201 17.15 5.95 -7.26
N ALA B 202 16.42 6.98 -6.85
CA ALA B 202 16.32 8.19 -7.66
C ALA B 202 17.50 9.10 -7.32
N LEU B 203 18.07 8.91 -6.13
CA LEU B 203 19.17 9.73 -5.67
C LEU B 203 20.57 9.27 -6.11
N GLY B 204 20.67 8.06 -6.66
CA GLY B 204 21.94 7.54 -7.11
C GLY B 204 23.01 7.27 -6.06
N ARG B 205 22.59 6.81 -4.89
CA ARG B 205 23.56 6.52 -3.83
C ARG B 205 22.89 5.84 -2.63
N ALA B 206 23.73 5.28 -1.76
CA ALA B 206 23.27 4.62 -0.56
C ALA B 206 23.18 5.73 0.50
N ALA B 207 22.53 5.45 1.62
CA ALA B 207 22.37 6.45 2.67
C ALA B 207 23.41 6.40 3.80
N GLU B 208 23.68 7.57 4.37
CA GLU B 208 24.60 7.67 5.49
C GLU B 208 23.69 7.44 6.68
N PRO B 209 24.17 6.74 7.73
CA PRO B 209 23.30 6.51 8.88
C PRO B 209 22.63 7.75 9.46
N VAL B 210 23.32 8.88 9.53
CA VAL B 210 22.72 10.08 10.09
C VAL B 210 21.46 10.53 9.35
N GLU B 211 21.37 10.17 8.06
CA GLU B 211 20.20 10.56 7.26
C GLU B 211 18.94 9.87 7.78
N VAL B 212 19.12 8.72 8.43
CA VAL B 212 18.00 8.01 9.00
C VAL B 212 17.79 8.54 10.42
N SER B 213 18.88 8.93 11.07
CA SER B 213 18.80 9.48 12.42
C SER B 213 17.97 10.76 12.41
N ASN B 214 18.14 11.56 11.37
CA ASN B 214 17.36 12.79 11.25
C ASN B 214 15.88 12.49 11.32
N LEU B 215 15.51 11.31 10.81
CA LEU B 215 14.12 10.90 10.82
C LEU B 215 13.74 10.40 12.20
N VAL B 216 14.69 9.77 12.88
CA VAL B 216 14.45 9.27 14.23
C VAL B 216 14.23 10.45 15.16
N VAL B 217 14.97 11.52 14.94
CA VAL B 217 14.84 12.72 15.76
C VAL B 217 13.47 13.35 15.56
N TYR B 218 13.03 13.42 14.31
CA TYR B 218 11.73 13.99 13.98
C TYR B 218 10.59 13.21 14.65
N LEU B 219 10.61 11.90 14.52
CA LEU B 219 9.57 11.07 15.11
C LEU B 219 9.59 11.05 16.63
N ALA B 220 10.78 11.20 17.21
CA ALA B 220 10.94 11.21 18.65
C ALA B 220 10.49 12.53 19.26
N SER B 221 10.64 13.61 18.50
CA SER B 221 10.25 14.95 18.95
C SER B 221 8.75 15.14 18.93
N ASP B 222 8.29 16.24 19.52
CA ASP B 222 6.86 16.52 19.55
C ASP B 222 6.43 17.15 18.22
N GLU B 223 7.37 17.32 17.31
CA GLU B 223 7.09 17.91 16.00
C GLU B 223 6.14 17.01 15.18
N SER B 224 6.23 15.71 15.37
CA SER B 224 5.40 14.74 14.65
C SER B 224 4.18 14.33 15.46
N SER B 225 3.67 15.25 16.28
CA SER B 225 2.53 14.99 17.15
C SER B 225 1.25 14.41 16.55
N TYR B 226 1.02 14.59 15.24
CA TYR B 226 -0.20 14.03 14.68
C TYR B 226 0.05 12.85 13.74
N SER B 227 1.21 12.21 13.89
CA SER B 227 1.58 11.05 13.09
C SER B 227 1.71 9.82 13.97
N THR B 228 0.95 8.77 13.66
CA THR B 228 1.06 7.53 14.43
C THR B 228 0.49 6.38 13.62
N GLY B 229 1.13 5.22 13.76
CA GLY B 229 0.73 4.03 13.04
C GLY B 229 1.13 4.13 11.58
N ALA B 230 2.00 5.08 11.26
CA ALA B 230 2.41 5.30 9.87
C ALA B 230 3.82 4.85 9.51
N GLU B 231 4.02 4.62 8.21
CA GLU B 231 5.29 4.19 7.65
C GLU B 231 6.04 5.38 7.05
N PHE B 232 7.23 5.65 7.57
CA PHE B 232 8.06 6.73 7.05
C PHE B 232 9.18 6.10 6.27
N VAL B 233 9.11 6.23 4.94
CA VAL B 233 10.09 5.66 4.02
C VAL B 233 11.26 6.60 3.75
N VAL B 234 12.47 6.07 3.91
CA VAL B 234 13.69 6.82 3.69
C VAL B 234 14.60 5.91 2.86
N ASP B 235 14.29 5.80 1.57
CA ASP B 235 15.02 4.89 0.69
C ASP B 235 15.57 5.42 -0.62
N GLY B 236 15.68 6.74 -0.77
CA GLY B 236 16.21 7.27 -2.01
C GLY B 236 15.31 7.14 -3.22
N GLY B 237 14.08 6.67 -3.01
CA GLY B 237 13.14 6.53 -4.11
C GLY B 237 12.85 5.14 -4.63
N THR B 238 13.61 4.16 -4.17
CA THR B 238 13.45 2.77 -4.61
C THR B 238 12.01 2.26 -4.71
N VAL B 239 11.27 2.26 -3.61
CA VAL B 239 9.90 1.76 -3.63
C VAL B 239 8.92 2.70 -4.35
N ALA B 240 9.37 3.90 -4.68
CA ALA B 240 8.52 4.84 -5.39
C ALA B 240 8.40 4.48 -6.87
N GLY B 241 9.35 3.68 -7.36
CA GLY B 241 9.33 3.29 -8.76
C GLY B 241 9.15 1.81 -9.03
N LEU B 242 8.88 1.48 -10.29
CA LEU B 242 8.70 0.09 -10.69
C LEU B 242 10.06 -0.51 -11.02
N ALA B 243 10.23 -1.78 -10.68
CA ALA B 243 11.45 -2.50 -10.96
C ALA B 243 11.61 -2.70 -12.48
N HIS B 244 12.59 -2.00 -13.05
CA HIS B 244 12.87 -2.08 -14.48
C HIS B 244 14.21 -2.76 -14.74
N ASN B 245 14.33 -3.46 -15.87
CA ASN B 245 15.57 -4.12 -16.22
C ASN B 245 16.49 -3.15 -16.94
N SER C 2 -17.77 -27.34 -12.13
CA SER C 2 -17.11 -27.76 -13.41
C SER C 2 -15.75 -28.39 -13.17
N GLY C 3 -14.89 -28.36 -14.19
CA GLY C 3 -13.57 -28.94 -14.07
C GLY C 3 -12.51 -27.88 -14.15
N ARG C 4 -12.70 -26.79 -13.40
CA ARG C 4 -11.74 -25.70 -13.40
C ARG C 4 -10.40 -26.12 -12.81
N LEU C 5 -10.39 -27.26 -12.11
CA LEU C 5 -9.17 -27.74 -11.49
C LEU C 5 -8.87 -29.19 -11.86
N THR C 6 -9.58 -29.71 -12.86
CA THR C 6 -9.38 -31.07 -13.32
C THR C 6 -7.90 -31.35 -13.54
N GLY C 7 -7.46 -32.49 -13.03
CA GLY C 7 -6.07 -32.88 -13.18
C GLY C 7 -5.12 -32.30 -12.15
N LYS C 8 -5.61 -31.42 -11.28
CA LYS C 8 -4.74 -30.83 -10.27
C LYS C 8 -4.89 -31.47 -8.89
N VAL C 9 -3.78 -31.46 -8.16
CA VAL C 9 -3.71 -32.03 -6.81
C VAL C 9 -3.40 -30.90 -5.81
N ALA C 10 -4.22 -30.79 -4.78
CA ALA C 10 -4.01 -29.74 -3.78
C ALA C 10 -3.86 -30.25 -2.35
N LEU C 11 -3.18 -29.44 -1.55
CA LEU C 11 -2.96 -29.74 -0.14
C LEU C 11 -3.49 -28.55 0.64
N VAL C 12 -4.47 -28.81 1.52
CA VAL C 12 -5.10 -27.76 2.33
C VAL C 12 -4.89 -28.00 3.83
N SER C 13 -4.23 -27.06 4.51
CA SER C 13 -4.00 -27.18 5.94
C SER C 13 -5.20 -26.54 6.64
N GLY C 14 -5.56 -27.06 7.81
CA GLY C 14 -6.70 -26.53 8.53
C GLY C 14 -7.98 -26.74 7.74
N GLY C 15 -8.09 -27.88 7.07
CA GLY C 15 -9.26 -28.15 6.25
C GLY C 15 -10.36 -28.97 6.90
N ALA C 16 -10.27 -29.21 8.20
CA ALA C 16 -11.28 -30.01 8.89
C ALA C 16 -12.59 -29.26 9.11
N ARG C 17 -12.51 -27.93 9.09
CA ARG C 17 -13.70 -27.11 9.31
C ARG C 17 -13.49 -25.70 8.77
N GLY C 18 -14.48 -24.84 9.01
CA GLY C 18 -14.39 -23.45 8.57
C GLY C 18 -14.12 -23.25 7.10
N MSE C 19 -13.28 -22.25 6.79
CA MSE C 19 -12.95 -21.96 5.41
C MSE C 19 -12.16 -23.07 4.73
O MSE C 19 -12.37 -23.35 3.55
CB MSE C 19 -12.16 -20.65 5.31
CG MSE C 19 -13.03 -19.42 5.12
SE MSE C 19 -12.03 -17.83 4.64
CE MSE C 19 -11.89 -17.04 6.35
N GLY C 20 -11.26 -23.69 5.47
CA GLY C 20 -10.47 -24.76 4.91
C GLY C 20 -11.37 -25.86 4.36
N ALA C 21 -12.34 -26.29 5.16
CA ALA C 21 -13.26 -27.33 4.73
C ALA C 21 -13.97 -26.90 3.47
N SER C 22 -14.40 -25.64 3.44
CA SER C 22 -15.09 -25.06 2.30
C SER C 22 -14.18 -25.12 1.07
N HIS C 23 -12.88 -24.85 1.28
CA HIS C 23 -11.94 -24.87 0.17
C HIS C 23 -11.85 -26.30 -0.38
N VAL C 24 -11.70 -27.27 0.52
CA VAL C 24 -11.59 -28.66 0.10
C VAL C 24 -12.79 -29.05 -0.75
N ARG C 25 -13.99 -28.79 -0.25
CA ARG C 25 -15.21 -29.14 -0.99
C ARG C 25 -15.33 -28.40 -2.32
N ALA C 26 -14.99 -27.13 -2.33
CA ALA C 26 -15.05 -26.33 -3.55
C ALA C 26 -14.12 -26.87 -4.63
N MSE C 27 -12.87 -27.16 -4.25
CA MSE C 27 -11.90 -27.66 -5.20
C MSE C 27 -12.25 -29.06 -5.70
O MSE C 27 -12.06 -29.38 -6.88
CB MSE C 27 -10.49 -27.65 -4.59
CG MSE C 27 -9.93 -26.24 -4.32
SE MSE C 27 -8.15 -26.18 -3.48
CE MSE C 27 -8.68 -26.25 -1.68
N VAL C 28 -12.76 -29.91 -4.82
CA VAL C 28 -13.15 -31.26 -5.24
C VAL C 28 -14.27 -31.14 -6.26
N ALA C 29 -15.21 -30.22 -6.00
CA ALA C 29 -16.32 -29.99 -6.90
C ALA C 29 -15.82 -29.52 -8.26
N GLU C 30 -14.64 -28.91 -8.28
CA GLU C 30 -14.08 -28.41 -9.54
C GLU C 30 -13.15 -29.40 -10.23
N GLY C 31 -13.18 -30.65 -9.79
CA GLY C 31 -12.35 -31.68 -10.40
C GLY C 31 -10.99 -31.96 -9.77
N ALA C 32 -10.66 -31.23 -8.70
CA ALA C 32 -9.35 -31.44 -8.07
C ALA C 32 -9.33 -32.61 -7.09
N LYS C 33 -8.14 -33.16 -6.89
CA LYS C 33 -7.92 -34.24 -5.94
C LYS C 33 -7.35 -33.48 -4.74
N VAL C 34 -7.88 -33.74 -3.55
CA VAL C 34 -7.40 -32.97 -2.40
C VAL C 34 -6.99 -33.72 -1.16
N VAL C 35 -5.79 -33.40 -0.68
CA VAL C 35 -5.28 -33.97 0.55
C VAL C 35 -5.44 -32.81 1.53
N PHE C 36 -6.18 -33.01 2.61
CA PHE C 36 -6.35 -31.94 3.58
C PHE C 36 -5.92 -32.42 4.96
N GLY C 37 -5.24 -31.54 5.70
CA GLY C 37 -4.75 -31.89 7.02
C GLY C 37 -5.23 -30.98 8.13
N ASP C 38 -5.23 -31.50 9.35
CA ASP C 38 -5.70 -30.72 10.49
C ASP C 38 -5.32 -31.44 11.78
N ILE C 39 -5.73 -30.88 12.90
CA ILE C 39 -5.47 -31.49 14.20
C ILE C 39 -6.80 -31.97 14.76
N LEU C 40 -7.88 -31.66 14.05
CA LEU C 40 -9.22 -32.07 14.47
C LEU C 40 -9.53 -33.30 13.63
N ASP C 41 -8.87 -34.42 13.97
CA ASP C 41 -9.00 -35.67 13.23
C ASP C 41 -10.42 -36.23 13.12
N GLU C 42 -11.18 -36.15 14.20
CA GLU C 42 -12.55 -36.64 14.20
C GLU C 42 -13.31 -35.99 13.05
N GLU C 43 -13.35 -34.66 13.06
CA GLU C 43 -14.05 -33.93 12.01
C GLU C 43 -13.40 -34.18 10.64
N GLY C 44 -12.07 -34.23 10.62
CA GLY C 44 -11.38 -34.46 9.37
C GLY C 44 -11.74 -35.79 8.73
N LYS C 45 -11.73 -36.86 9.52
CA LYS C 45 -12.06 -38.19 9.00
C LYS C 45 -13.49 -38.28 8.48
N ALA C 46 -14.41 -37.58 9.14
CA ALA C 46 -15.80 -37.59 8.71
C ALA C 46 -15.90 -37.05 7.29
N MSE C 47 -15.18 -35.96 7.04
CA MSE C 47 -15.17 -35.33 5.72
C MSE C 47 -14.59 -36.24 4.66
O MSE C 47 -15.15 -36.38 3.57
CB MSE C 47 -14.36 -34.04 5.74
CG MSE C 47 -15.09 -32.82 6.22
SE MSE C 47 -13.88 -31.34 6.29
CE MSE C 47 -13.53 -31.15 4.40
N ALA C 48 -13.45 -36.84 4.97
CA ALA C 48 -12.79 -37.74 4.04
C ALA C 48 -13.76 -38.84 3.66
N ALA C 49 -14.60 -39.21 4.62
CA ALA C 49 -15.59 -40.26 4.40
C ALA C 49 -16.54 -39.88 3.26
N GLU C 50 -17.15 -38.70 3.38
CA GLU C 50 -18.08 -38.26 2.36
C GLU C 50 -17.42 -37.75 1.09
N LEU C 51 -16.10 -37.62 1.09
CA LEU C 51 -15.40 -37.16 -0.11
C LEU C 51 -14.75 -38.29 -0.88
N ALA C 52 -14.90 -39.51 -0.37
CA ALA C 52 -14.35 -40.71 -0.99
C ALA C 52 -12.99 -40.56 -1.67
N ASP C 53 -12.85 -41.15 -2.84
CA ASP C 53 -11.59 -41.12 -3.57
C ASP C 53 -11.05 -39.74 -3.94
N ALA C 54 -11.92 -38.75 -4.09
CA ALA C 54 -11.46 -37.42 -4.47
C ALA C 54 -10.59 -36.74 -3.43
N ALA C 55 -10.50 -37.31 -2.23
CA ALA C 55 -9.70 -36.68 -1.18
C ALA C 55 -9.15 -37.62 -0.12
N ARG C 56 -8.13 -37.13 0.60
CA ARG C 56 -7.48 -37.87 1.66
C ARG C 56 -7.29 -36.93 2.84
N TYR C 57 -7.62 -37.41 4.03
CA TYR C 57 -7.41 -36.61 5.22
C TYR C 57 -6.16 -37.15 5.91
N VAL C 58 -5.30 -36.25 6.37
CA VAL C 58 -4.10 -36.66 7.08
C VAL C 58 -4.01 -35.80 8.32
N HIS C 59 -3.43 -36.35 9.37
CA HIS C 59 -3.26 -35.57 10.59
C HIS C 59 -2.10 -34.66 10.25
N LEU C 60 -2.26 -33.37 10.50
CA LEU C 60 -1.21 -32.41 10.19
C LEU C 60 -1.17 -31.20 11.11
N ASP C 61 -0.20 -31.16 12.01
CA ASP C 61 0.00 -30.02 12.90
C ASP C 61 1.00 -29.18 12.09
N VAL C 62 0.55 -28.07 11.52
CA VAL C 62 1.40 -27.20 10.70
C VAL C 62 2.72 -26.70 11.32
N THR C 63 2.88 -26.85 12.63
CA THR C 63 4.12 -26.40 13.28
C THR C 63 5.16 -27.52 13.29
N GLN C 64 4.75 -28.69 12.79
CA GLN C 64 5.60 -29.89 12.74
C GLN C 64 6.10 -30.21 11.33
N PRO C 65 7.35 -29.84 10.99
CA PRO C 65 7.83 -30.14 9.63
C PRO C 65 7.72 -31.59 9.14
N ALA C 66 7.85 -32.56 10.04
CA ALA C 66 7.74 -33.96 9.64
C ALA C 66 6.32 -34.29 9.16
N GLN C 67 5.33 -33.61 9.72
CA GLN C 67 3.94 -33.84 9.35
C GLN C 67 3.63 -33.26 7.98
N TRP C 68 4.29 -32.16 7.65
CA TRP C 68 4.12 -31.53 6.33
C TRP C 68 4.71 -32.48 5.28
N LYS C 69 5.87 -33.04 5.59
CA LYS C 69 6.53 -33.96 4.68
C LYS C 69 5.60 -35.13 4.37
N ALA C 70 4.96 -35.66 5.41
CA ALA C 70 4.06 -36.79 5.30
C ALA C 70 2.80 -36.43 4.51
N ALA C 71 2.33 -35.20 4.68
CA ALA C 71 1.13 -34.76 3.96
C ALA C 71 1.43 -34.71 2.48
N VAL C 72 2.60 -34.18 2.14
CA VAL C 72 3.01 -34.06 0.76
C VAL C 72 3.24 -35.45 0.13
N ASP C 73 3.81 -36.37 0.90
CA ASP C 73 4.04 -37.73 0.39
C ASP C 73 2.70 -38.39 0.04
N THR C 74 1.71 -38.15 0.88
CA THR C 74 0.38 -38.71 0.68
C THR C 74 -0.23 -38.22 -0.63
N ALA C 75 -0.09 -36.92 -0.89
CA ALA C 75 -0.61 -36.33 -2.11
C ALA C 75 0.08 -36.92 -3.33
N VAL C 76 1.40 -37.10 -3.25
CA VAL C 76 2.15 -37.65 -4.37
C VAL C 76 1.87 -39.13 -4.61
N THR C 77 1.94 -39.94 -3.57
CA THR C 77 1.70 -41.37 -3.74
C THR C 77 0.25 -41.69 -4.10
N ALA C 78 -0.71 -41.03 -3.45
CA ALA C 78 -2.12 -41.27 -3.73
C ALA C 78 -2.61 -40.64 -5.03
N PHE C 79 -2.08 -39.47 -5.37
CA PHE C 79 -2.55 -38.77 -6.56
C PHE C 79 -1.51 -38.49 -7.65
N GLY C 80 -0.27 -38.91 -7.42
CA GLY C 80 0.76 -38.74 -8.45
C GLY C 80 1.50 -37.41 -8.53
N GLY C 81 1.04 -36.40 -7.78
CA GLY C 81 1.72 -35.12 -7.80
C GLY C 81 1.17 -34.15 -6.77
N LEU C 82 1.53 -32.88 -6.91
CA LEU C 82 1.08 -31.83 -6.01
C LEU C 82 1.28 -30.50 -6.72
N HIS C 83 0.19 -29.83 -7.03
CA HIS C 83 0.26 -28.57 -7.77
C HIS C 83 -0.27 -27.35 -7.03
N VAL C 84 -1.02 -27.58 -5.96
CA VAL C 84 -1.61 -26.49 -5.21
C VAL C 84 -1.49 -26.64 -3.69
N LEU C 85 -1.18 -25.54 -3.02
CA LEU C 85 -1.09 -25.51 -1.57
C LEU C 85 -1.91 -24.34 -1.04
N VAL C 86 -2.82 -24.62 -0.12
CA VAL C 86 -3.60 -23.56 0.50
C VAL C 86 -3.21 -23.51 1.98
N ASN C 87 -2.32 -22.58 2.32
CA ASN C 87 -1.86 -22.41 3.69
C ASN C 87 -2.98 -21.71 4.45
N ASN C 88 -3.97 -22.50 4.84
CA ASN C 88 -5.15 -22.00 5.53
C ASN C 88 -5.18 -22.16 7.06
N ALA C 89 -4.49 -23.16 7.58
CA ALA C 89 -4.46 -23.39 9.03
C ALA C 89 -4.06 -22.12 9.78
N GLY C 90 -4.76 -21.84 10.87
CA GLY C 90 -4.45 -20.65 11.64
C GLY C 90 -5.28 -20.51 12.90
N ILE C 91 -4.79 -19.66 13.81
CA ILE C 91 -5.49 -19.44 15.06
C ILE C 91 -5.56 -17.93 15.33
N LEU C 92 -6.43 -17.56 16.25
CA LEU C 92 -6.61 -16.18 16.63
C LEU C 92 -6.65 -16.08 18.15
N ASN C 93 -5.80 -15.21 18.70
CA ASN C 93 -5.80 -14.97 20.14
C ASN C 93 -5.72 -13.46 20.28
N ILE C 94 -6.24 -12.94 21.38
CA ILE C 94 -6.27 -11.49 21.60
C ILE C 94 -5.72 -11.09 22.95
N GLY C 95 -5.43 -9.80 23.09
CA GLY C 95 -4.90 -9.30 24.35
C GLY C 95 -4.13 -8.02 24.20
N THR C 96 -4.32 -7.13 25.16
CA THR C 96 -3.65 -5.84 25.19
C THR C 96 -2.15 -6.08 25.33
N ILE C 97 -1.37 -5.03 25.10
CA ILE C 97 0.07 -5.13 25.21
C ILE C 97 0.49 -5.71 26.56
N GLU C 98 -0.15 -5.25 27.63
CA GLU C 98 0.22 -5.73 28.96
C GLU C 98 -0.33 -7.11 29.37
N ASP C 99 -1.60 -7.37 29.09
CA ASP C 99 -2.23 -8.64 29.48
C ASP C 99 -1.90 -9.85 28.59
N TYR C 100 -1.56 -9.59 27.33
CA TYR C 100 -1.23 -10.63 26.37
C TYR C 100 -0.06 -11.51 26.86
N ALA C 101 -0.26 -12.83 26.84
CA ALA C 101 0.77 -13.74 27.31
C ALA C 101 1.84 -13.99 26.26
N LEU C 102 3.10 -14.02 26.68
CA LEU C 102 4.17 -14.27 25.74
C LEU C 102 4.02 -15.66 25.13
N THR C 103 3.32 -16.57 25.82
CA THR C 103 3.09 -17.90 25.30
C THR C 103 2.05 -17.86 24.16
N GLU C 104 1.09 -16.94 24.26
CA GLU C 104 0.07 -16.79 23.22
C GLU C 104 0.76 -16.23 21.99
N TRP C 105 1.69 -15.29 22.22
CA TRP C 105 2.44 -14.66 21.14
C TRP C 105 3.32 -15.67 20.40
N GLN C 106 4.03 -16.50 21.15
CA GLN C 106 4.89 -17.52 20.55
C GLN C 106 4.08 -18.54 19.76
N ARG C 107 2.97 -18.99 20.34
CA ARG C 107 2.12 -19.97 19.69
C ARG C 107 1.51 -19.46 18.39
N ILE C 108 1.08 -18.20 18.36
CA ILE C 108 0.47 -17.70 17.13
C ILE C 108 1.54 -17.48 16.05
N LEU C 109 2.75 -17.13 16.46
CA LEU C 109 3.85 -16.96 15.52
C LEU C 109 4.16 -18.33 14.91
N ASP C 110 4.16 -19.35 15.77
CA ASP C 110 4.43 -20.73 15.35
C ASP C 110 3.39 -21.24 14.35
N VAL C 111 2.11 -21.04 14.66
CA VAL C 111 1.02 -21.51 13.80
C VAL C 111 0.75 -20.69 12.54
N ASN C 112 0.51 -19.39 12.73
CA ASN C 112 0.18 -18.51 11.62
C ASN C 112 1.34 -18.13 10.71
N LEU C 113 2.54 -18.03 11.26
CA LEU C 113 3.70 -17.64 10.48
C LEU C 113 4.62 -18.80 10.09
N THR C 114 5.23 -19.43 11.09
CA THR C 114 6.15 -20.53 10.84
C THR C 114 5.44 -21.69 10.11
N GLY C 115 4.19 -21.95 10.49
CA GLY C 115 3.45 -23.03 9.86
C GLY C 115 3.29 -22.79 8.37
N VAL C 116 3.07 -21.54 7.99
CA VAL C 116 2.92 -21.16 6.60
C VAL C 116 4.26 -21.38 5.88
N PHE C 117 5.35 -20.96 6.51
CA PHE C 117 6.67 -21.14 5.91
C PHE C 117 6.98 -22.64 5.77
N LEU C 118 6.63 -23.43 6.78
CA LEU C 118 6.88 -24.86 6.72
C LEU C 118 6.12 -25.52 5.57
N GLY C 119 4.88 -25.09 5.35
CA GLY C 119 4.10 -25.66 4.25
C GLY C 119 4.80 -25.40 2.93
N ILE C 120 5.25 -24.17 2.74
CA ILE C 120 5.96 -23.78 1.52
C ILE C 120 7.20 -24.65 1.33
N ARG C 121 7.98 -24.81 2.40
CA ARG C 121 9.20 -25.63 2.32
C ARG C 121 8.91 -27.04 1.85
N ALA C 122 7.85 -27.63 2.38
CA ALA C 122 7.47 -29.00 2.04
C ALA C 122 6.94 -29.22 0.62
N VAL C 123 6.15 -28.29 0.11
CA VAL C 123 5.55 -28.45 -1.21
C VAL C 123 6.43 -28.06 -2.40
N VAL C 124 7.57 -27.41 -2.14
CA VAL C 124 8.41 -27.00 -3.25
C VAL C 124 9.12 -28.13 -4.01
N LYS C 125 9.49 -29.22 -3.34
CA LYS C 125 10.17 -30.29 -4.06
C LYS C 125 9.27 -30.85 -5.17
N PRO C 126 8.06 -31.31 -4.83
CA PRO C 126 7.18 -31.84 -5.88
C PRO C 126 6.82 -30.82 -6.95
N MSE C 127 6.55 -29.57 -6.54
CA MSE C 127 6.20 -28.51 -7.47
C MSE C 127 7.37 -28.15 -8.40
O MSE C 127 7.18 -27.93 -9.60
CB MSE C 127 5.75 -27.25 -6.74
CG MSE C 127 4.48 -27.37 -5.91
SE MSE C 127 3.82 -25.62 -5.32
CE MSE C 127 5.38 -25.04 -4.35
N LYS C 128 8.57 -28.07 -7.84
CA LYS C 128 9.75 -27.73 -8.62
C LYS C 128 10.07 -28.79 -9.66
N GLU C 129 9.80 -30.05 -9.34
CA GLU C 129 10.07 -31.13 -10.28
C GLU C 129 9.06 -31.10 -11.42
N ALA C 130 7.83 -30.70 -11.12
CA ALA C 130 6.79 -30.63 -12.15
C ALA C 130 6.93 -29.34 -12.96
N GLY C 131 7.59 -28.34 -12.37
CA GLY C 131 7.79 -27.08 -13.07
C GLY C 131 6.64 -26.12 -12.99
N ARG C 132 5.74 -26.35 -12.05
CA ARG C 132 4.61 -25.46 -11.87
C ARG C 132 3.93 -25.70 -10.54
N GLY C 133 3.12 -24.73 -10.14
CA GLY C 133 2.41 -24.85 -8.88
C GLY C 133 1.85 -23.51 -8.48
N SER C 134 0.93 -23.54 -7.53
CA SER C 134 0.30 -22.34 -7.02
C SER C 134 0.18 -22.46 -5.51
N ILE C 135 0.82 -21.54 -4.80
CA ILE C 135 0.78 -21.53 -3.35
C ILE C 135 -0.14 -20.37 -2.96
N ILE C 136 -1.13 -20.67 -2.14
CA ILE C 136 -2.10 -19.68 -1.68
C ILE C 136 -2.07 -19.50 -0.17
N ASN C 137 -1.52 -18.38 0.28
CA ASN C 137 -1.41 -18.10 1.70
C ASN C 137 -2.57 -17.27 2.19
N ILE C 138 -3.23 -17.76 3.22
CA ILE C 138 -4.37 -17.06 3.77
C ILE C 138 -3.92 -16.06 4.83
N SER C 139 -3.96 -14.79 4.45
CA SER C 139 -3.63 -13.69 5.35
C SER C 139 -5.02 -13.16 5.73
N SER C 140 -5.16 -11.84 5.84
CA SER C 140 -6.46 -11.25 6.18
C SER C 140 -6.32 -9.74 6.08
N ILE C 141 -7.43 -9.01 6.19
CA ILE C 141 -7.32 -7.56 6.10
C ILE C 141 -6.57 -7.08 7.33
N GLU C 142 -6.38 -7.98 8.30
CA GLU C 142 -5.63 -7.67 9.51
C GLU C 142 -4.14 -7.71 9.16
N GLY C 143 -3.85 -8.10 7.92
CA GLY C 143 -2.48 -8.15 7.47
C GLY C 143 -2.23 -6.92 6.61
N LEU C 144 -3.23 -6.06 6.57
CA LEU C 144 -3.19 -4.83 5.79
C LEU C 144 -3.25 -3.60 6.69
N ALA C 145 -3.81 -3.78 7.89
CA ALA C 145 -3.92 -2.70 8.87
C ALA C 145 -4.00 -3.33 10.25
N GLY C 146 -3.78 -2.53 11.30
CA GLY C 146 -3.82 -3.05 12.66
C GLY C 146 -5.15 -3.03 13.38
N THR C 147 -5.18 -3.69 14.53
CA THR C 147 -6.38 -3.78 15.36
C THR C 147 -5.96 -3.77 16.84
N VAL C 148 -6.68 -3.01 17.66
CA VAL C 148 -6.40 -2.92 19.09
C VAL C 148 -6.39 -4.32 19.69
N ALA C 149 -5.43 -4.57 20.59
CA ALA C 149 -5.28 -5.86 21.27
C ALA C 149 -5.28 -7.05 20.33
N CYS C 150 -4.60 -6.91 19.20
CA CYS C 150 -4.56 -7.99 18.21
C CYS C 150 -3.16 -8.03 17.61
N HIS C 151 -2.18 -7.87 18.49
CA HIS C 151 -0.78 -7.81 18.12
C HIS C 151 -0.21 -9.11 17.56
N GLY C 152 -0.54 -10.23 18.19
CA GLY C 152 -0.05 -11.50 17.70
C GLY C 152 -0.61 -11.79 16.32
N TYR C 153 -1.91 -11.59 16.16
CA TYR C 153 -2.59 -11.86 14.89
C TYR C 153 -2.17 -10.88 13.79
N THR C 154 -2.12 -9.59 14.10
CA THR C 154 -1.73 -8.59 13.10
C THR C 154 -0.31 -8.88 12.61
N ALA C 155 0.60 -9.01 13.56
CA ALA C 155 1.99 -9.28 13.21
C ALA C 155 2.15 -10.49 12.29
N THR C 156 1.45 -11.58 12.57
CA THR C 156 1.60 -12.77 11.73
C THR C 156 0.94 -12.62 10.35
N LYS C 157 -0.24 -12.01 10.30
CA LYS C 157 -0.90 -11.83 9.02
C LYS C 157 -0.08 -10.89 8.12
N PHE C 158 0.57 -9.91 8.71
CA PHE C 158 1.43 -9.01 7.93
C PHE C 158 2.64 -9.83 7.45
N ALA C 159 3.22 -10.61 8.36
CA ALA C 159 4.37 -11.46 8.04
C ALA C 159 4.06 -12.40 6.88
N VAL C 160 2.87 -13.00 6.89
CA VAL C 160 2.46 -13.91 5.83
C VAL C 160 2.37 -13.15 4.51
N ARG C 161 1.85 -11.93 4.58
CA ARG C 161 1.74 -11.07 3.41
C ARG C 161 3.12 -10.89 2.81
N GLY C 162 4.11 -10.65 3.67
CA GLY C 162 5.47 -10.45 3.22
C GLY C 162 6.10 -11.71 2.67
N LEU C 163 5.98 -12.82 3.41
CA LEU C 163 6.56 -14.10 3.00
C LEU C 163 6.08 -14.47 1.60
N THR C 164 4.82 -14.13 1.32
CA THR C 164 4.22 -14.41 0.03
C THR C 164 5.04 -13.78 -1.10
N LYS C 165 5.51 -12.56 -0.86
CA LYS C 165 6.28 -11.82 -1.84
C LYS C 165 7.69 -12.38 -2.05
N SER C 166 8.45 -12.55 -0.98
CA SER C 166 9.80 -13.10 -1.10
C SER C 166 9.78 -14.50 -1.73
N THR C 167 8.86 -15.37 -1.30
CA THR C 167 8.83 -16.71 -1.87
C THR C 167 8.39 -16.69 -3.33
N ALA C 168 7.50 -15.75 -3.69
CA ALA C 168 7.03 -15.62 -5.07
C ALA C 168 8.17 -15.21 -6.00
N LEU C 169 9.00 -14.28 -5.56
CA LEU C 169 10.12 -13.83 -6.37
C LEU C 169 11.09 -14.97 -6.57
N GLU C 170 11.33 -15.74 -5.51
CA GLU C 170 12.27 -16.84 -5.59
C GLU C 170 11.72 -18.03 -6.40
N LEU C 171 10.44 -18.35 -6.25
CA LEU C 171 9.86 -19.49 -6.96
C LEU C 171 9.36 -19.23 -8.37
N GLY C 172 9.29 -17.96 -8.77
CA GLY C 172 8.83 -17.62 -10.10
C GLY C 172 9.56 -18.41 -11.19
N PRO C 173 10.91 -18.35 -11.24
CA PRO C 173 11.70 -19.08 -12.24
C PRO C 173 11.38 -20.57 -12.30
N SER C 174 10.80 -21.11 -11.23
CA SER C 174 10.45 -22.54 -11.19
C SER C 174 9.08 -22.82 -11.76
N GLY C 175 8.37 -21.77 -12.16
CA GLY C 175 7.03 -21.94 -12.69
C GLY C 175 5.99 -22.00 -11.59
N ILE C 176 6.37 -21.60 -10.39
CA ILE C 176 5.46 -21.63 -9.24
C ILE C 176 5.02 -20.24 -8.81
N ARG C 177 3.71 -20.05 -8.70
CA ARG C 177 3.15 -18.77 -8.29
C ARG C 177 2.80 -18.79 -6.79
N VAL C 178 2.92 -17.63 -6.14
CA VAL C 178 2.59 -17.52 -4.72
C VAL C 178 1.82 -16.21 -4.51
N ASN C 179 0.60 -16.33 -3.98
CA ASN C 179 -0.25 -15.17 -3.75
C ASN C 179 -0.88 -15.24 -2.36
N SER C 180 -1.29 -14.08 -1.85
CA SER C 180 -1.94 -14.04 -0.54
C SER C 180 -3.38 -13.57 -0.65
N ILE C 181 -4.26 -14.16 0.16
CA ILE C 181 -5.67 -13.78 0.18
C ILE C 181 -5.92 -13.05 1.49
N HIS C 182 -6.64 -11.93 1.40
CA HIS C 182 -6.92 -11.12 2.58
C HIS C 182 -8.41 -10.93 2.79
N PRO C 183 -9.07 -11.89 3.43
CA PRO C 183 -10.51 -11.68 3.63
C PRO C 183 -10.90 -10.87 4.85
N GLY C 184 -12.12 -10.34 4.81
CA GLY C 184 -12.66 -9.58 5.92
C GLY C 184 -13.36 -10.60 6.79
N LEU C 185 -14.42 -10.19 7.49
CA LEU C 185 -15.14 -11.14 8.34
C LEU C 185 -15.86 -12.21 7.55
N VAL C 186 -15.49 -13.46 7.81
CA VAL C 186 -16.10 -14.62 7.16
C VAL C 186 -16.80 -15.42 8.26
N LYS C 187 -17.99 -15.94 7.95
CA LYS C 187 -18.74 -16.73 8.94
C LYS C 187 -18.10 -18.11 9.17
N THR C 188 -17.30 -18.24 10.24
CA THR C 188 -16.67 -19.52 10.58
C THR C 188 -16.60 -19.61 12.11
N PRO C 189 -16.20 -20.77 12.65
CA PRO C 189 -16.13 -20.90 14.11
C PRO C 189 -15.13 -19.95 14.78
N MSE C 190 -14.14 -19.47 14.03
CA MSE C 190 -13.14 -18.56 14.59
C MSE C 190 -13.77 -17.22 14.95
O MSE C 190 -13.30 -16.53 15.88
CB MSE C 190 -12.01 -18.31 13.59
CG MSE C 190 -10.96 -17.33 14.08
SE MSE C 190 -9.58 -16.88 12.79
CE MSE C 190 -9.99 -15.00 12.57
N THR C 191 -14.83 -16.84 14.24
CA THR C 191 -15.47 -15.55 14.46
C THR C 191 -16.97 -15.59 14.77
N ASP C 192 -17.51 -16.76 15.09
CA ASP C 192 -18.95 -16.85 15.38
C ASP C 192 -19.38 -16.01 16.57
N TRP C 193 -18.41 -15.62 17.40
CA TRP C 193 -18.69 -14.80 18.58
C TRP C 193 -18.58 -13.32 18.21
N VAL C 194 -18.22 -13.06 16.95
CA VAL C 194 -18.06 -11.69 16.45
C VAL C 194 -19.30 -11.25 15.69
N PRO C 195 -19.75 -10.01 15.88
CA PRO C 195 -20.93 -9.53 15.15
C PRO C 195 -20.64 -9.43 13.65
N GLU C 196 -21.56 -9.96 12.85
CA GLU C 196 -21.41 -9.97 11.39
C GLU C 196 -21.18 -8.62 10.72
N ASP C 197 -21.68 -7.54 11.34
CA ASP C 197 -21.52 -6.21 10.78
C ASP C 197 -20.47 -5.39 11.55
N ILE C 198 -19.46 -6.07 12.07
CA ILE C 198 -18.42 -5.40 12.84
C ILE C 198 -17.50 -4.50 12.00
N PHE C 199 -17.38 -4.82 10.71
CA PHE C 199 -16.55 -4.02 9.82
C PHE C 199 -17.42 -3.11 8.96
N GLN C 200 -16.90 -1.96 8.58
CA GLN C 200 -17.64 -1.05 7.72
C GLN C 200 -17.43 -1.56 6.30
N THR C 201 -18.37 -2.35 5.80
CA THR C 201 -18.29 -2.89 4.46
C THR C 201 -19.21 -2.13 3.52
N ALA C 202 -18.95 -2.23 2.22
CA ALA C 202 -19.78 -1.57 1.23
C ALA C 202 -20.94 -2.49 0.85
N LEU C 203 -20.70 -3.80 0.96
CA LEU C 203 -21.73 -4.77 0.61
C LEU C 203 -22.78 -4.95 1.72
N GLY C 204 -22.47 -4.43 2.91
CA GLY C 204 -23.41 -4.54 4.02
C GLY C 204 -23.67 -5.92 4.59
N ARG C 205 -22.66 -6.78 4.59
CA ARG C 205 -22.82 -8.12 5.14
C ARG C 205 -21.47 -8.80 5.31
N ALA C 206 -21.45 -9.88 6.09
CA ALA C 206 -20.23 -10.66 6.32
C ALA C 206 -20.12 -11.62 5.15
N ALA C 207 -18.98 -12.27 5.00
CA ALA C 207 -18.79 -13.21 3.90
C ALA C 207 -19.15 -14.66 4.24
N GLU C 208 -19.62 -15.37 3.22
CA GLU C 208 -19.93 -16.79 3.37
C GLU C 208 -18.59 -17.44 3.01
N PRO C 209 -18.22 -18.54 3.67
CA PRO C 209 -16.95 -19.19 3.36
C PRO C 209 -16.72 -19.56 1.88
N VAL C 210 -17.78 -19.95 1.18
CA VAL C 210 -17.62 -20.32 -0.22
C VAL C 210 -17.13 -19.14 -1.08
N GLU C 211 -17.48 -17.92 -0.65
CA GLU C 211 -17.08 -16.72 -1.38
C GLU C 211 -15.57 -16.54 -1.40
N VAL C 212 -14.90 -17.06 -0.37
CA VAL C 212 -13.44 -16.97 -0.33
C VAL C 212 -12.90 -18.18 -1.12
N SER C 213 -13.59 -19.31 -1.02
CA SER C 213 -13.16 -20.51 -1.74
C SER C 213 -13.14 -20.23 -3.24
N ASN C 214 -14.11 -19.45 -3.72
CA ASN C 214 -14.16 -19.12 -5.14
C ASN C 214 -12.86 -18.44 -5.54
N LEU C 215 -12.35 -17.62 -4.64
CA LEU C 215 -11.10 -16.91 -4.91
C LEU C 215 -9.95 -17.92 -4.84
N VAL C 216 -10.07 -18.92 -3.96
CA VAL C 216 -9.02 -19.93 -3.83
C VAL C 216 -8.93 -20.74 -5.11
N VAL C 217 -10.08 -21.10 -5.66
CA VAL C 217 -10.13 -21.87 -6.89
C VAL C 217 -9.52 -21.09 -8.05
N TYR C 218 -9.82 -19.79 -8.11
CA TYR C 218 -9.27 -18.96 -9.17
C TYR C 218 -7.74 -18.94 -9.12
N LEU C 219 -7.19 -18.64 -7.94
CA LEU C 219 -5.75 -18.59 -7.78
C LEU C 219 -5.11 -19.96 -7.99
N ALA C 220 -5.87 -21.02 -7.69
CA ALA C 220 -5.36 -22.38 -7.86
C ALA C 220 -5.39 -22.80 -9.33
N SER C 221 -6.34 -22.25 -10.10
CA SER C 221 -6.47 -22.59 -11.52
C SER C 221 -5.43 -21.86 -12.36
N ASP C 222 -5.33 -22.22 -13.62
CA ASP C 222 -4.38 -21.59 -14.53
C ASP C 222 -4.87 -20.26 -15.10
N GLU C 223 -6.06 -19.83 -14.70
CA GLU C 223 -6.59 -18.56 -15.18
C GLU C 223 -6.02 -17.38 -14.42
N SER C 224 -5.05 -17.65 -13.56
CA SER C 224 -4.40 -16.61 -12.78
C SER C 224 -2.90 -16.75 -13.00
N SER C 225 -2.55 -17.35 -14.14
CA SER C 225 -1.18 -17.61 -14.54
C SER C 225 -0.19 -16.44 -14.52
N TYR C 226 -0.68 -15.20 -14.63
CA TYR C 226 0.26 -14.08 -14.61
C TYR C 226 0.23 -13.31 -13.30
N SER C 227 -0.49 -13.83 -12.31
CA SER C 227 -0.54 -13.18 -11.01
C SER C 227 0.35 -13.92 -10.02
N THR C 228 1.27 -13.20 -9.39
CA THR C 228 2.11 -13.80 -8.38
C THR C 228 2.72 -12.73 -7.49
N GLY C 229 2.75 -13.02 -6.19
CA GLY C 229 3.28 -12.09 -5.22
C GLY C 229 2.27 -11.01 -4.88
N ALA C 230 1.02 -11.23 -5.31
CA ALA C 230 -0.03 -10.24 -5.10
C ALA C 230 -1.01 -10.54 -3.97
N GLU C 231 -1.66 -9.49 -3.52
CA GLU C 231 -2.64 -9.56 -2.45
C GLU C 231 -4.02 -9.46 -3.08
N PHE C 232 -4.84 -10.49 -2.86
CA PHE C 232 -6.20 -10.50 -3.40
C PHE C 232 -7.11 -10.31 -2.21
N VAL C 233 -7.73 -9.14 -2.15
CA VAL C 233 -8.61 -8.78 -1.06
C VAL C 233 -10.06 -9.14 -1.35
N VAL C 234 -10.68 -9.79 -0.37
CA VAL C 234 -12.08 -10.19 -0.46
C VAL C 234 -12.67 -9.84 0.90
N ASP C 235 -12.97 -8.54 1.07
CA ASP C 235 -13.49 -8.02 2.32
C ASP C 235 -14.78 -7.18 2.20
N GLY C 236 -15.44 -7.24 1.06
CA GLY C 236 -16.66 -6.47 0.90
C GLY C 236 -16.47 -4.96 0.90
N GLY C 237 -15.22 -4.50 0.74
CA GLY C 237 -14.95 -3.08 0.68
C GLY C 237 -14.39 -2.37 1.91
N THR C 238 -14.11 -3.11 2.98
CA THR C 238 -13.60 -2.48 4.19
C THR C 238 -12.34 -1.62 4.01
N VAL C 239 -11.24 -2.22 3.53
CA VAL C 239 -9.99 -1.48 3.37
C VAL C 239 -10.01 -0.46 2.23
N ALA C 240 -11.09 -0.45 1.46
CA ALA C 240 -11.21 0.49 0.35
C ALA C 240 -11.71 1.83 0.88
N GLY C 241 -12.18 1.84 2.12
CA GLY C 241 -12.68 3.07 2.72
C GLY C 241 -11.89 3.53 3.91
N LEU C 242 -12.29 4.67 4.48
CA LEU C 242 -11.62 5.24 5.65
C LEU C 242 -12.46 4.99 6.90
N ALA C 243 -11.82 4.74 8.03
CA ALA C 243 -12.55 4.50 9.28
C ALA C 243 -13.25 5.77 9.78
N HIS C 244 -14.58 5.82 9.62
CA HIS C 244 -15.38 6.97 10.06
C HIS C 244 -16.06 6.67 11.39
N ASN C 245 -16.39 7.73 12.14
CA ASN C 245 -17.06 7.57 13.43
C ASN C 245 -18.57 7.67 13.25
N SER D 2 -16.73 -22.57 -20.90
CA SER D 2 -17.10 -22.89 -19.50
C SER D 2 -18.47 -22.33 -19.15
N GLY D 3 -18.89 -21.30 -19.88
CA GLY D 3 -20.18 -20.68 -19.61
C GLY D 3 -20.13 -19.98 -18.25
N ARG D 4 -18.97 -19.40 -17.93
CA ARG D 4 -18.78 -18.72 -16.66
C ARG D 4 -19.50 -17.37 -16.56
N LEU D 5 -19.91 -16.83 -17.69
CA LEU D 5 -20.60 -15.55 -17.72
C LEU D 5 -21.94 -15.64 -18.46
N THR D 6 -22.41 -16.87 -18.66
CA THR D 6 -23.66 -17.13 -19.35
C THR D 6 -24.81 -16.31 -18.72
N GLY D 7 -25.51 -15.55 -19.55
CA GLY D 7 -26.62 -14.76 -19.04
C GLY D 7 -26.28 -13.32 -18.70
N LYS D 8 -24.99 -13.01 -18.58
CA LYS D 8 -24.60 -11.66 -18.27
C LYS D 8 -24.33 -10.84 -19.53
N VAL D 9 -24.66 -9.55 -19.46
CA VAL D 9 -24.45 -8.64 -20.57
C VAL D 9 -23.34 -7.69 -20.11
N ALA D 10 -22.35 -7.50 -20.98
CA ALA D 10 -21.23 -6.65 -20.65
C ALA D 10 -20.96 -5.57 -21.68
N LEU D 11 -20.45 -4.44 -21.21
CA LEU D 11 -20.08 -3.32 -22.06
C LEU D 11 -18.57 -3.13 -21.89
N VAL D 12 -17.84 -3.19 -22.99
CA VAL D 12 -16.39 -3.04 -22.94
C VAL D 12 -15.95 -1.85 -23.79
N SER D 13 -15.22 -0.93 -23.19
CA SER D 13 -14.71 0.24 -23.91
C SER D 13 -13.34 -0.09 -24.49
N GLY D 14 -13.03 0.49 -25.64
CA GLY D 14 -11.76 0.23 -26.29
C GLY D 14 -11.62 -1.24 -26.66
N GLY D 15 -12.70 -1.87 -27.07
CA GLY D 15 -12.66 -3.28 -27.41
C GLY D 15 -12.34 -3.67 -28.85
N ALA D 16 -11.90 -2.70 -29.65
CA ALA D 16 -11.61 -2.96 -31.06
C ALA D 16 -10.27 -3.64 -31.30
N ARG D 17 -9.41 -3.66 -30.29
CA ARG D 17 -8.10 -4.29 -30.44
C ARG D 17 -7.45 -4.44 -29.07
N GLY D 18 -6.21 -4.95 -29.05
CA GLY D 18 -5.48 -5.11 -27.81
C GLY D 18 -6.27 -5.89 -26.77
N MSE D 19 -6.05 -5.58 -25.50
CA MSE D 19 -6.73 -6.28 -24.42
C MSE D 19 -8.25 -6.14 -24.52
O MSE D 19 -8.98 -7.07 -24.19
CB MSE D 19 -6.26 -5.74 -23.05
CG MSE D 19 -5.15 -6.57 -22.44
SE MSE D 19 -4.54 -5.93 -20.73
CE MSE D 19 -3.14 -4.79 -21.37
N GLY D 20 -8.70 -4.98 -24.97
CA GLY D 20 -10.14 -4.75 -25.11
C GLY D 20 -10.78 -5.81 -25.98
N ALA D 21 -10.15 -6.11 -27.11
CA ALA D 21 -10.67 -7.11 -28.02
C ALA D 21 -10.58 -8.47 -27.35
N SER D 22 -9.44 -8.73 -26.70
CA SER D 22 -9.21 -9.97 -25.99
C SER D 22 -10.34 -10.21 -24.98
N HIS D 23 -10.65 -9.18 -24.19
CA HIS D 23 -11.72 -9.30 -23.19
C HIS D 23 -13.05 -9.64 -23.84
N VAL D 24 -13.37 -8.96 -24.94
CA VAL D 24 -14.63 -9.20 -25.66
C VAL D 24 -14.71 -10.66 -26.07
N ARG D 25 -13.69 -11.14 -26.77
CA ARG D 25 -13.65 -12.52 -27.23
C ARG D 25 -13.76 -13.52 -26.08
N ALA D 26 -13.01 -13.28 -25.01
CA ALA D 26 -13.03 -14.17 -23.86
C ALA D 26 -14.42 -14.21 -23.21
N MSE D 27 -15.00 -13.04 -22.95
CA MSE D 27 -16.32 -12.98 -22.34
C MSE D 27 -17.37 -13.66 -23.21
O MSE D 27 -18.21 -14.40 -22.72
CB MSE D 27 -16.70 -11.53 -22.03
CG MSE D 27 -15.83 -10.89 -20.93
SE MSE D 27 -16.10 -8.99 -20.74
CE MSE D 27 -15.75 -8.53 -22.57
N VAL D 28 -17.32 -13.41 -24.53
CA VAL D 28 -18.27 -14.05 -25.43
C VAL D 28 -18.04 -15.57 -25.35
N ALA D 29 -16.78 -15.98 -25.31
CA ALA D 29 -16.46 -17.41 -25.23
C ALA D 29 -17.01 -18.02 -23.94
N GLU D 30 -17.18 -17.18 -22.90
CA GLU D 30 -17.71 -17.65 -21.63
C GLU D 30 -19.23 -17.51 -21.54
N GLY D 31 -19.87 -17.39 -22.69
CA GLY D 31 -21.32 -17.28 -22.74
C GLY D 31 -21.92 -15.91 -22.47
N ALA D 32 -21.11 -14.87 -22.55
CA ALA D 32 -21.63 -13.53 -22.30
C ALA D 32 -22.01 -12.79 -23.58
N LYS D 33 -22.98 -11.89 -23.46
CA LYS D 33 -23.43 -11.05 -24.56
C LYS D 33 -22.58 -9.80 -24.36
N VAL D 34 -21.97 -9.29 -25.42
CA VAL D 34 -21.09 -8.12 -25.26
C VAL D 34 -21.30 -6.94 -26.22
N VAL D 35 -21.37 -5.75 -25.65
CA VAL D 35 -21.46 -4.55 -26.45
C VAL D 35 -20.09 -3.91 -26.23
N PHE D 36 -19.33 -3.73 -27.30
CA PHE D 36 -18.00 -3.14 -27.19
C PHE D 36 -17.86 -1.91 -28.08
N GLY D 37 -17.41 -0.81 -27.49
CA GLY D 37 -17.23 0.43 -28.23
C GLY D 37 -15.79 0.83 -28.43
N ASP D 38 -15.54 1.67 -29.44
CA ASP D 38 -14.19 2.11 -29.75
C ASP D 38 -14.27 3.20 -30.81
N ILE D 39 -13.12 3.78 -31.15
CA ILE D 39 -13.07 4.82 -32.16
C ILE D 39 -12.55 4.23 -33.46
N LEU D 40 -12.00 3.02 -33.40
CA LEU D 40 -11.48 2.36 -34.59
C LEU D 40 -12.61 1.53 -35.19
N ASP D 41 -13.59 2.21 -35.79
CA ASP D 41 -14.76 1.56 -36.37
C ASP D 41 -14.52 0.41 -37.35
N GLU D 42 -13.51 0.52 -38.19
CA GLU D 42 -13.26 -0.54 -39.15
C GLU D 42 -13.00 -1.86 -38.43
N GLU D 43 -12.03 -1.85 -37.51
CA GLU D 43 -11.67 -3.03 -36.75
C GLU D 43 -12.83 -3.50 -35.88
N GLY D 44 -13.57 -2.54 -35.34
CA GLY D 44 -14.70 -2.89 -34.49
C GLY D 44 -15.79 -3.62 -35.25
N LYS D 45 -16.13 -3.11 -36.43
CA LYS D 45 -17.18 -3.72 -37.23
C LYS D 45 -16.73 -5.08 -37.76
N ALA D 46 -15.44 -5.22 -38.00
CA ALA D 46 -14.89 -6.47 -38.51
C ALA D 46 -15.04 -7.61 -37.50
N MSE D 47 -14.52 -7.43 -36.29
CA MSE D 47 -14.62 -8.48 -35.29
C MSE D 47 -16.04 -8.69 -34.80
O MSE D 47 -16.36 -9.72 -34.22
CB MSE D 47 -13.67 -8.21 -34.11
CG MSE D 47 -13.88 -6.91 -33.38
SE MSE D 47 -12.54 -6.71 -31.97
CE MSE D 47 -13.43 -7.70 -30.56
N ALA D 48 -16.90 -7.69 -35.04
CA ALA D 48 -18.29 -7.81 -34.63
C ALA D 48 -18.97 -8.77 -35.61
N ALA D 49 -18.39 -8.90 -36.80
CA ALA D 49 -18.92 -9.77 -37.84
C ALA D 49 -18.59 -11.24 -37.57
N GLU D 50 -17.48 -11.46 -36.87
CA GLU D 50 -17.07 -12.83 -36.56
C GLU D 50 -17.60 -13.26 -35.19
N LEU D 51 -18.22 -12.34 -34.48
CA LEU D 51 -18.78 -12.63 -33.17
C LEU D 51 -20.31 -12.60 -33.29
N ALA D 52 -20.78 -11.84 -34.27
CA ALA D 52 -22.21 -11.68 -34.58
C ALA D 52 -23.21 -12.07 -33.49
N ASP D 53 -23.63 -13.33 -33.54
CA ASP D 53 -24.62 -13.91 -32.62
C ASP D 53 -24.46 -13.64 -31.12
N ALA D 54 -23.55 -12.75 -30.73
CA ALA D 54 -23.37 -12.48 -29.30
C ALA D 54 -22.72 -11.16 -28.95
N ALA D 55 -22.37 -10.36 -29.95
CA ALA D 55 -21.73 -9.08 -29.70
C ALA D 55 -22.26 -7.98 -30.60
N ARG D 56 -22.14 -6.74 -30.14
CA ARG D 56 -22.60 -5.58 -30.90
C ARG D 56 -21.52 -4.51 -30.77
N TYR D 57 -20.97 -4.08 -31.90
CA TYR D 57 -19.95 -3.04 -31.87
C TYR D 57 -20.63 -1.68 -32.04
N VAL D 58 -20.18 -0.70 -31.27
CA VAL D 58 -20.76 0.63 -31.39
C VAL D 58 -19.63 1.64 -31.39
N HIS D 59 -19.89 2.82 -31.95
CA HIS D 59 -18.87 3.85 -31.94
C HIS D 59 -19.00 4.50 -30.57
N LEU D 60 -17.88 4.59 -29.87
CA LEU D 60 -17.89 5.15 -28.52
C LEU D 60 -16.59 5.87 -28.21
N ASP D 61 -16.67 7.18 -28.06
CA ASP D 61 -15.50 7.95 -27.69
C ASP D 61 -15.80 8.14 -26.21
N VAL D 62 -15.04 7.48 -25.35
CA VAL D 62 -15.28 7.55 -23.92
C VAL D 62 -15.28 8.96 -23.32
N THR D 63 -14.92 9.97 -24.10
CA THR D 63 -14.94 11.34 -23.59
C THR D 63 -16.30 12.00 -23.78
N GLN D 64 -17.21 11.35 -24.51
CA GLN D 64 -18.54 11.88 -24.75
C GLN D 64 -19.66 11.08 -24.09
N PRO D 65 -20.27 11.63 -23.03
CA PRO D 65 -21.36 10.93 -22.32
C PRO D 65 -22.54 10.53 -23.20
N ALA D 66 -22.74 11.24 -24.31
CA ALA D 66 -23.83 10.92 -25.22
C ALA D 66 -23.61 9.55 -25.82
N GLN D 67 -22.38 9.28 -26.25
CA GLN D 67 -22.02 7.99 -26.84
C GLN D 67 -22.03 6.88 -25.79
N TRP D 68 -21.74 7.23 -24.54
CA TRP D 68 -21.76 6.26 -23.45
C TRP D 68 -23.22 5.83 -23.28
N LYS D 69 -24.11 6.81 -23.24
CA LYS D 69 -25.54 6.53 -23.08
C LYS D 69 -26.06 5.68 -24.23
N ALA D 70 -25.59 5.97 -25.44
CA ALA D 70 -26.01 5.23 -26.62
C ALA D 70 -25.56 3.78 -26.52
N ALA D 71 -24.32 3.57 -26.07
CA ALA D 71 -23.77 2.22 -25.92
C ALA D 71 -24.59 1.46 -24.89
N VAL D 72 -24.88 2.09 -23.76
CA VAL D 72 -25.65 1.46 -22.70
C VAL D 72 -27.04 1.04 -23.18
N ASP D 73 -27.73 1.94 -23.87
CA ASP D 73 -29.07 1.65 -24.38
C ASP D 73 -29.02 0.53 -25.41
N THR D 74 -27.89 0.39 -26.09
CA THR D 74 -27.74 -0.66 -27.09
C THR D 74 -27.73 -2.01 -26.38
N ALA D 75 -26.98 -2.07 -25.29
CA ALA D 75 -26.88 -3.30 -24.51
C ALA D 75 -28.26 -3.71 -23.97
N VAL D 76 -28.93 -2.77 -23.33
CA VAL D 76 -30.24 -3.04 -22.76
C VAL D 76 -31.26 -3.50 -23.81
N THR D 77 -31.42 -2.72 -24.87
CA THR D 77 -32.39 -3.05 -25.91
C THR D 77 -32.06 -4.34 -26.66
N ALA D 78 -30.79 -4.56 -26.93
CA ALA D 78 -30.38 -5.74 -27.69
C ALA D 78 -30.20 -7.01 -26.85
N PHE D 79 -29.78 -6.85 -25.60
CA PHE D 79 -29.56 -8.01 -24.75
C PHE D 79 -30.37 -8.00 -23.46
N GLY D 80 -31.28 -7.05 -23.35
CA GLY D 80 -32.15 -6.98 -22.18
C GLY D 80 -31.61 -6.48 -20.86
N GLY D 81 -30.38 -5.97 -20.85
CA GLY D 81 -29.82 -5.46 -19.61
C GLY D 81 -28.33 -5.24 -19.69
N LEU D 82 -27.72 -4.95 -18.54
CA LEU D 82 -26.28 -4.71 -18.47
C LEU D 82 -25.82 -5.00 -17.05
N HIS D 83 -24.95 -5.99 -16.90
CA HIS D 83 -24.44 -6.40 -15.60
C HIS D 83 -22.95 -6.15 -15.43
N VAL D 84 -22.24 -6.01 -16.55
CA VAL D 84 -20.81 -5.81 -16.47
C VAL D 84 -20.25 -4.66 -17.33
N LEU D 85 -19.37 -3.86 -16.71
CA LEU D 85 -18.71 -2.75 -17.40
C LEU D 85 -17.21 -2.93 -17.24
N VAL D 86 -16.51 -2.94 -18.37
CA VAL D 86 -15.06 -3.07 -18.39
C VAL D 86 -14.49 -1.77 -18.96
N ASN D 87 -14.06 -0.88 -18.07
CA ASN D 87 -13.48 0.41 -18.47
C ASN D 87 -12.06 0.19 -18.96
N ASN D 88 -11.93 -0.26 -20.20
CA ASN D 88 -10.63 -0.56 -20.77
C ASN D 88 -10.01 0.50 -21.67
N ALA D 89 -10.84 1.33 -22.31
CA ALA D 89 -10.31 2.38 -23.18
C ALA D 89 -9.25 3.22 -22.47
N GLY D 90 -8.13 3.44 -23.16
CA GLY D 90 -7.06 4.23 -22.59
C GLY D 90 -5.97 4.52 -23.60
N ILE D 91 -5.16 5.53 -23.30
CA ILE D 91 -4.08 5.90 -24.18
C ILE D 91 -2.79 6.07 -23.37
N LEU D 92 -1.68 6.11 -24.09
CA LEU D 92 -0.39 6.27 -23.46
C LEU D 92 0.44 7.33 -24.17
N ASN D 93 0.93 8.31 -23.42
CA ASN D 93 1.82 9.32 -23.96
C ASN D 93 2.92 9.52 -22.93
N ILE D 94 4.06 10.04 -23.36
CA ILE D 94 5.18 10.22 -22.46
C ILE D 94 5.94 11.52 -22.68
N GLY D 95 6.73 11.91 -21.69
CA GLY D 95 7.52 13.13 -21.78
C GLY D 95 7.96 13.62 -20.43
N THR D 96 9.17 14.17 -20.38
CA THR D 96 9.73 14.70 -19.15
C THR D 96 8.86 15.87 -18.71
N ILE D 97 9.04 16.33 -17.48
CA ILE D 97 8.29 17.45 -16.93
C ILE D 97 8.34 18.68 -17.84
N GLU D 98 9.49 18.89 -18.47
CA GLU D 98 9.68 20.05 -19.33
C GLU D 98 9.18 19.90 -20.77
N ASP D 99 9.48 18.78 -21.41
CA ASP D 99 9.05 18.55 -22.80
C ASP D 99 7.57 18.18 -22.96
N TYR D 100 7.01 17.54 -21.93
CA TYR D 100 5.62 17.12 -21.95
C TYR D 100 4.68 18.28 -22.28
N ALA D 101 3.89 18.11 -23.35
CA ALA D 101 2.95 19.16 -23.77
C ALA D 101 1.73 19.18 -22.86
N LEU D 102 1.26 20.38 -22.52
CA LEU D 102 0.09 20.50 -21.67
C LEU D 102 -1.12 19.89 -22.35
N THR D 103 -1.13 19.87 -23.68
CA THR D 103 -2.23 19.30 -24.42
C THR D 103 -2.25 17.77 -24.25
N GLU D 104 -1.08 17.16 -24.11
CA GLU D 104 -1.00 15.70 -23.92
C GLU D 104 -1.54 15.37 -22.53
N TRP D 105 -1.23 16.22 -21.57
CA TRP D 105 -1.67 16.07 -20.20
C TRP D 105 -3.20 16.09 -20.13
N GLN D 106 -3.80 17.11 -20.74
CA GLN D 106 -5.26 17.21 -20.76
C GLN D 106 -5.90 16.04 -21.45
N ARG D 107 -5.35 15.67 -22.60
CA ARG D 107 -5.86 14.57 -23.40
C ARG D 107 -5.90 13.26 -22.63
N ILE D 108 -4.81 12.92 -21.95
CA ILE D 108 -4.77 11.67 -21.20
C ILE D 108 -5.66 11.72 -19.95
N LEU D 109 -5.91 12.92 -19.43
CA LEU D 109 -6.78 13.06 -18.27
C LEU D 109 -8.22 12.78 -18.73
N ASP D 110 -8.58 13.36 -19.87
CA ASP D 110 -9.92 13.19 -20.43
C ASP D 110 -10.24 11.74 -20.74
N VAL D 111 -9.35 11.07 -21.45
CA VAL D 111 -9.56 9.68 -21.85
C VAL D 111 -9.35 8.65 -20.75
N ASN D 112 -8.21 8.72 -20.08
CA ASN D 112 -7.87 7.76 -19.03
C ASN D 112 -8.60 7.89 -17.71
N LEU D 113 -8.86 9.12 -17.29
CA LEU D 113 -9.56 9.33 -16.02
C LEU D 113 -11.03 9.71 -16.18
N THR D 114 -11.29 10.82 -16.87
CA THR D 114 -12.65 11.28 -17.08
C THR D 114 -13.50 10.25 -17.82
N GLY D 115 -12.91 9.59 -18.80
CA GLY D 115 -13.63 8.58 -19.56
C GLY D 115 -14.09 7.43 -18.70
N VAL D 116 -13.26 7.04 -17.73
CA VAL D 116 -13.60 5.94 -16.83
C VAL D 116 -14.80 6.39 -16.00
N PHE D 117 -14.74 7.62 -15.49
CA PHE D 117 -15.81 8.19 -14.68
C PHE D 117 -17.13 8.27 -15.45
N LEU D 118 -17.05 8.67 -16.71
CA LEU D 118 -18.24 8.78 -17.55
C LEU D 118 -18.84 7.38 -17.75
N GLY D 119 -17.99 6.38 -17.88
CA GLY D 119 -18.47 5.02 -18.06
C GLY D 119 -19.30 4.57 -16.87
N ILE D 120 -18.82 4.87 -15.67
CA ILE D 120 -19.51 4.49 -14.44
C ILE D 120 -20.85 5.19 -14.32
N ARG D 121 -20.89 6.50 -14.64
CA ARG D 121 -22.12 7.28 -14.57
C ARG D 121 -23.19 6.69 -15.47
N ALA D 122 -22.77 6.28 -16.67
CA ALA D 122 -23.66 5.71 -17.66
C ALA D 122 -24.25 4.34 -17.34
N VAL D 123 -23.54 3.51 -16.57
CA VAL D 123 -24.05 2.17 -16.29
C VAL D 123 -24.76 1.93 -14.97
N VAL D 124 -24.65 2.86 -14.02
CA VAL D 124 -25.27 2.66 -12.70
C VAL D 124 -26.80 2.51 -12.67
N LYS D 125 -27.52 3.24 -13.52
CA LYS D 125 -28.97 3.12 -13.50
C LYS D 125 -29.45 1.71 -13.83
N PRO D 126 -29.02 1.15 -14.97
CA PRO D 126 -29.48 -0.20 -15.29
C PRO D 126 -28.96 -1.27 -14.30
N MSE D 127 -27.84 -0.97 -13.64
CA MSE D 127 -27.30 -1.93 -12.68
C MSE D 127 -28.05 -1.81 -11.37
O MSE D 127 -28.29 -2.81 -10.69
CB MSE D 127 -25.81 -1.67 -12.43
CG MSE D 127 -24.91 -1.83 -13.66
SE MSE D 127 -23.03 -1.91 -13.18
CE MSE D 127 -22.89 -0.26 -12.21
N LYS D 128 -28.43 -0.59 -11.01
CA LYS D 128 -29.16 -0.36 -9.77
C LYS D 128 -30.59 -0.92 -9.81
N GLU D 129 -31.11 -1.14 -11.01
CA GLU D 129 -32.47 -1.67 -11.15
C GLU D 129 -32.45 -3.17 -10.90
N ALA D 130 -31.39 -3.83 -11.36
CA ALA D 130 -31.23 -5.27 -11.18
C ALA D 130 -30.53 -5.56 -9.86
N GLY D 131 -30.14 -4.50 -9.14
CA GLY D 131 -29.48 -4.66 -7.86
C GLY D 131 -28.26 -5.57 -7.94
N ARG D 132 -27.58 -5.54 -9.08
CA ARG D 132 -26.41 -6.37 -9.29
C ARG D 132 -25.58 -5.75 -10.40
N GLY D 133 -24.25 -5.75 -10.23
CA GLY D 133 -23.39 -5.19 -11.24
C GLY D 133 -21.91 -5.27 -10.90
N SER D 134 -21.09 -5.45 -11.93
CA SER D 134 -19.66 -5.52 -11.73
C SER D 134 -18.97 -4.53 -12.66
N ILE D 135 -18.30 -3.56 -12.05
CA ILE D 135 -17.56 -2.55 -12.79
C ILE D 135 -16.09 -2.87 -12.62
N ILE D 136 -15.40 -3.03 -13.73
CA ILE D 136 -14.00 -3.39 -13.75
C ILE D 136 -13.20 -2.29 -14.42
N ASN D 137 -12.44 -1.55 -13.63
CA ASN D 137 -11.64 -0.44 -14.16
C ASN D 137 -10.22 -0.89 -14.43
N ILE D 138 -9.72 -0.57 -15.61
CA ILE D 138 -8.38 -0.94 -15.97
C ILE D 138 -7.33 0.11 -15.57
N SER D 139 -6.58 -0.21 -14.54
CA SER D 139 -5.51 0.66 -14.07
C SER D 139 -4.24 0.04 -14.64
N SER D 140 -3.18 0.01 -13.86
CA SER D 140 -1.92 -0.59 -14.28
C SER D 140 -0.96 -0.53 -13.11
N ILE D 141 0.18 -1.20 -13.20
CA ILE D 141 1.14 -1.14 -12.11
C ILE D 141 1.71 0.27 -12.02
N GLU D 142 1.44 1.08 -13.05
CA GLU D 142 1.89 2.47 -13.07
C GLU D 142 0.94 3.25 -12.17
N GLY D 143 -0.10 2.58 -11.67
CA GLY D 143 -1.02 3.23 -10.77
C GLY D 143 -0.67 2.80 -9.35
N LEU D 144 0.47 2.12 -9.23
CA LEU D 144 0.93 1.61 -7.95
C LEU D 144 2.31 2.17 -7.60
N ALA D 145 3.07 2.51 -8.65
CA ALA D 145 4.39 3.08 -8.48
C ALA D 145 4.61 4.03 -9.65
N GLY D 146 5.66 4.85 -9.56
CA GLY D 146 5.94 5.79 -10.61
C GLY D 146 6.93 5.37 -11.67
N THR D 147 6.97 6.15 -12.75
CA THR D 147 7.87 5.91 -13.88
C THR D 147 8.39 7.24 -14.40
N VAL D 148 9.67 7.28 -14.75
CA VAL D 148 10.28 8.51 -15.27
C VAL D 148 9.55 8.96 -16.54
N ALA D 149 9.35 10.27 -16.66
CA ALA D 149 8.70 10.89 -17.82
C ALA D 149 7.40 10.21 -18.24
N CYS D 150 6.59 9.83 -17.26
CA CYS D 150 5.33 9.15 -17.52
C CYS D 150 4.31 9.69 -16.52
N HIS D 151 4.29 11.01 -16.41
CA HIS D 151 3.43 11.73 -15.47
C HIS D 151 1.93 11.68 -15.71
N GLY D 152 1.51 11.95 -16.94
CA GLY D 152 0.08 11.92 -17.25
C GLY D 152 -0.49 10.52 -17.06
N TYR D 153 0.27 9.52 -17.51
CA TYR D 153 -0.15 8.13 -17.42
C TYR D 153 -0.22 7.69 -15.96
N THR D 154 0.86 7.95 -15.23
CA THR D 154 0.93 7.60 -13.81
C THR D 154 -0.19 8.25 -13.00
N ALA D 155 -0.37 9.54 -13.20
CA ALA D 155 -1.41 10.29 -12.51
C ALA D 155 -2.80 9.72 -12.76
N THR D 156 -3.15 9.52 -14.02
CA THR D 156 -4.47 8.99 -14.35
C THR D 156 -4.68 7.56 -13.84
N LYS D 157 -3.66 6.73 -13.94
CA LYS D 157 -3.78 5.35 -13.48
C LYS D 157 -3.93 5.30 -11.95
N PHE D 158 -3.31 6.26 -11.26
CA PHE D 158 -3.45 6.34 -9.81
C PHE D 158 -4.86 6.84 -9.54
N ALA D 159 -5.31 7.79 -10.36
CA ALA D 159 -6.64 8.37 -10.22
C ALA D 159 -7.71 7.29 -10.38
N VAL D 160 -7.55 6.45 -11.39
CA VAL D 160 -8.49 5.37 -11.65
C VAL D 160 -8.52 4.40 -10.47
N ARG D 161 -7.36 4.21 -9.85
CA ARG D 161 -7.22 3.34 -8.68
C ARG D 161 -8.06 3.91 -7.53
N GLY D 162 -7.98 5.22 -7.33
CA GLY D 162 -8.74 5.87 -6.27
C GLY D 162 -10.24 5.96 -6.56
N LEU D 163 -10.58 6.31 -7.81
CA LEU D 163 -11.98 6.43 -8.20
C LEU D 163 -12.69 5.10 -7.99
N THR D 164 -11.95 4.02 -8.19
CA THR D 164 -12.49 2.68 -8.03
C THR D 164 -13.02 2.48 -6.61
N LYS D 165 -12.25 2.95 -5.63
CA LYS D 165 -12.64 2.80 -4.24
C LYS D 165 -13.79 3.70 -3.83
N SER D 166 -13.74 4.97 -4.20
CA SER D 166 -14.82 5.88 -3.84
C SER D 166 -16.16 5.38 -4.41
N THR D 167 -16.16 5.01 -5.67
CA THR D 167 -17.39 4.53 -6.31
C THR D 167 -17.85 3.19 -5.75
N ALA D 168 -16.91 2.29 -5.46
CA ALA D 168 -17.26 0.99 -4.90
C ALA D 168 -18.00 1.13 -3.57
N LEU D 169 -17.52 2.02 -2.72
CA LEU D 169 -18.14 2.25 -1.43
C LEU D 169 -19.58 2.75 -1.60
N GLU D 170 -19.75 3.67 -2.55
CA GLU D 170 -21.05 4.26 -2.82
C GLU D 170 -22.03 3.31 -3.50
N LEU D 171 -21.53 2.41 -4.35
CA LEU D 171 -22.40 1.48 -5.08
C LEU D 171 -22.65 0.16 -4.38
N GLY D 172 -21.85 -0.16 -3.37
CA GLY D 172 -22.01 -1.41 -2.65
C GLY D 172 -23.43 -1.64 -2.18
N PRO D 173 -24.05 -0.66 -1.50
CA PRO D 173 -25.42 -0.83 -1.03
C PRO D 173 -26.39 -1.26 -2.13
N SER D 174 -26.05 -0.94 -3.38
CA SER D 174 -26.91 -1.29 -4.51
C SER D 174 -26.54 -2.64 -5.10
N GLY D 175 -25.54 -3.28 -4.51
CA GLY D 175 -25.13 -4.59 -4.97
C GLY D 175 -24.19 -4.54 -6.15
N ILE D 176 -23.57 -3.38 -6.36
CA ILE D 176 -22.66 -3.20 -7.48
C ILE D 176 -21.23 -3.16 -6.99
N ARG D 177 -20.43 -4.11 -7.46
CA ARG D 177 -19.02 -4.19 -7.10
C ARG D 177 -18.16 -3.39 -8.09
N VAL D 178 -17.12 -2.75 -7.59
CA VAL D 178 -16.21 -1.98 -8.43
C VAL D 178 -14.78 -2.32 -8.01
N ASN D 179 -13.99 -2.83 -8.95
CA ASN D 179 -12.62 -3.22 -8.67
C ASN D 179 -11.69 -2.71 -9.76
N SER D 180 -10.39 -2.67 -9.48
CA SER D 180 -9.43 -2.23 -10.47
C SER D 180 -8.42 -3.33 -10.79
N ILE D 181 -8.00 -3.39 -12.05
CA ILE D 181 -7.02 -4.38 -12.48
C ILE D 181 -5.71 -3.63 -12.75
N HIS D 182 -4.58 -4.22 -12.36
CA HIS D 182 -3.28 -3.60 -12.55
C HIS D 182 -2.30 -4.56 -13.20
N PRO D 183 -2.23 -4.57 -14.53
CA PRO D 183 -1.29 -5.49 -15.16
C PRO D 183 0.08 -4.90 -15.41
N GLY D 184 1.04 -5.78 -15.65
CA GLY D 184 2.40 -5.36 -15.95
C GLY D 184 2.44 -5.27 -17.47
N LEU D 185 3.57 -5.58 -18.08
CA LEU D 185 3.66 -5.51 -19.53
C LEU D 185 2.79 -6.56 -20.21
N VAL D 186 1.90 -6.12 -21.09
CA VAL D 186 1.02 -7.03 -21.81
C VAL D 186 1.22 -6.80 -23.31
N LYS D 187 1.43 -7.87 -24.05
CA LYS D 187 1.66 -7.78 -25.50
C LYS D 187 0.47 -7.24 -26.29
N THR D 188 0.46 -5.94 -26.54
CA THR D 188 -0.60 -5.31 -27.31
C THR D 188 0.04 -4.21 -28.14
N PRO D 189 -0.73 -3.59 -29.05
CA PRO D 189 -0.15 -2.53 -29.87
C PRO D 189 0.27 -1.29 -29.07
N MSE D 190 -0.18 -1.19 -27.82
CA MSE D 190 0.18 -0.04 -27.00
C MSE D 190 1.64 -0.10 -26.62
O MSE D 190 2.30 0.93 -26.49
CB MSE D 190 -0.65 0.02 -25.71
CG MSE D 190 -0.27 1.23 -24.83
SE MSE D 190 -1.26 1.48 -23.15
CE MSE D 190 0.22 1.36 -21.91
N THR D 191 2.18 -1.31 -26.46
CA THR D 191 3.56 -1.48 -26.06
C THR D 191 4.42 -2.35 -26.96
N ASP D 192 4.12 -2.42 -28.25
CA ASP D 192 4.93 -3.24 -29.15
C ASP D 192 6.32 -2.65 -29.38
N TRP D 193 6.56 -1.45 -28.84
CA TRP D 193 7.86 -0.79 -28.99
C TRP D 193 8.68 -1.01 -27.73
N VAL D 194 8.08 -1.62 -26.72
CA VAL D 194 8.75 -1.87 -25.45
C VAL D 194 9.33 -3.26 -25.36
N PRO D 195 10.60 -3.38 -24.95
CA PRO D 195 11.15 -4.74 -24.85
C PRO D 195 10.29 -5.52 -23.85
N GLU D 196 9.98 -6.76 -24.19
CA GLU D 196 9.14 -7.61 -23.34
C GLU D 196 9.66 -7.85 -21.93
N ASP D 197 10.96 -7.72 -21.74
CA ASP D 197 11.57 -7.94 -20.43
C ASP D 197 11.92 -6.63 -19.75
N ILE D 198 11.21 -5.55 -20.11
CA ILE D 198 11.49 -4.24 -19.53
C ILE D 198 11.27 -4.19 -18.01
N PHE D 199 10.37 -5.02 -17.51
CA PHE D 199 10.07 -5.08 -16.07
C PHE D 199 10.77 -6.27 -15.43
N GLN D 200 11.15 -6.12 -14.16
CA GLN D 200 11.77 -7.20 -13.41
C GLN D 200 10.59 -8.01 -12.88
N THR D 201 10.34 -9.17 -13.50
CA THR D 201 9.25 -10.04 -13.10
C THR D 201 9.81 -11.33 -12.50
N ALA D 202 8.97 -12.02 -11.73
CA ALA D 202 9.40 -13.28 -11.15
C ALA D 202 9.18 -14.37 -12.19
N LEU D 203 8.18 -14.19 -13.05
CA LEU D 203 7.84 -15.17 -14.09
C LEU D 203 8.78 -15.14 -15.31
N GLY D 204 9.53 -14.05 -15.46
CA GLY D 204 10.47 -13.94 -16.57
C GLY D 204 9.89 -13.80 -17.96
N ARG D 205 8.74 -13.13 -18.06
CA ARG D 205 8.10 -12.92 -19.35
C ARG D 205 7.03 -11.85 -19.26
N ALA D 206 6.55 -11.43 -20.42
CA ALA D 206 5.49 -10.44 -20.53
C ALA D 206 4.20 -11.23 -20.57
N ALA D 207 3.07 -10.56 -20.35
CA ALA D 207 1.78 -11.25 -20.35
C ALA D 207 1.06 -11.31 -21.70
N GLU D 208 0.34 -12.42 -21.91
CA GLU D 208 -0.46 -12.57 -23.11
C GLU D 208 -1.76 -11.88 -22.72
N PRO D 209 -2.37 -11.11 -23.64
CA PRO D 209 -3.61 -10.43 -23.24
C PRO D 209 -4.71 -11.33 -22.65
N VAL D 210 -4.72 -12.61 -22.99
CA VAL D 210 -5.75 -13.49 -22.46
C VAL D 210 -5.57 -13.68 -20.95
N GLU D 211 -4.34 -13.56 -20.48
CA GLU D 211 -4.06 -13.72 -19.06
C GLU D 211 -4.72 -12.62 -18.22
N VAL D 212 -4.94 -11.46 -18.84
CA VAL D 212 -5.60 -10.38 -18.13
C VAL D 212 -7.09 -10.59 -18.32
N SER D 213 -7.47 -11.10 -19.49
CA SER D 213 -8.88 -11.38 -19.78
C SER D 213 -9.44 -12.40 -18.78
N ASN D 214 -8.64 -13.39 -18.42
CA ASN D 214 -9.09 -14.39 -17.45
C ASN D 214 -9.43 -13.69 -16.13
N LEU D 215 -8.70 -12.63 -15.82
CA LEU D 215 -8.96 -11.87 -14.59
C LEU D 215 -10.25 -11.04 -14.73
N VAL D 216 -10.48 -10.49 -15.93
CA VAL D 216 -11.70 -9.71 -16.17
C VAL D 216 -12.92 -10.62 -16.02
N VAL D 217 -12.80 -11.84 -16.53
CA VAL D 217 -13.88 -12.82 -16.45
C VAL D 217 -14.16 -13.16 -14.99
N TYR D 218 -13.11 -13.40 -14.21
CA TYR D 218 -13.29 -13.72 -12.79
C TYR D 218 -14.03 -12.58 -12.08
N LEU D 219 -13.58 -11.35 -12.29
CA LEU D 219 -14.21 -10.20 -11.65
C LEU D 219 -15.62 -9.95 -12.16
N ALA D 220 -15.88 -10.33 -13.41
CA ALA D 220 -17.20 -10.15 -14.02
C ALA D 220 -18.18 -11.19 -13.49
N SER D 221 -17.65 -12.36 -13.13
CA SER D 221 -18.45 -13.47 -12.64
C SER D 221 -18.90 -13.27 -11.19
N ASP D 222 -19.85 -14.11 -10.77
CA ASP D 222 -20.35 -14.02 -9.40
C ASP D 222 -19.34 -14.68 -8.46
N GLU D 223 -18.32 -15.32 -9.02
CA GLU D 223 -17.30 -15.98 -8.22
C GLU D 223 -16.43 -14.99 -7.46
N SER D 224 -16.67 -13.70 -7.67
CA SER D 224 -15.91 -12.65 -6.99
C SER D 224 -16.85 -11.75 -6.20
N SER D 225 -18.02 -12.30 -5.88
CA SER D 225 -19.09 -11.62 -5.16
C SER D 225 -18.74 -10.87 -3.89
N TYR D 226 -17.66 -11.24 -3.20
CA TYR D 226 -17.34 -10.52 -1.97
C TYR D 226 -16.14 -9.59 -2.12
N SER D 227 -15.69 -9.39 -3.35
CA SER D 227 -14.56 -8.49 -3.62
C SER D 227 -15.04 -7.19 -4.26
N THR D 228 -14.76 -6.06 -3.61
CA THR D 228 -15.13 -4.75 -4.18
C THR D 228 -14.21 -3.68 -3.62
N GLY D 229 -13.88 -2.71 -4.47
CA GLY D 229 -13.00 -1.62 -4.08
C GLY D 229 -11.57 -2.10 -3.92
N ALA D 230 -11.29 -3.30 -4.44
CA ALA D 230 -9.96 -3.90 -4.31
C ALA D 230 -9.11 -3.85 -5.57
N GLU D 231 -7.80 -4.01 -5.37
CA GLU D 231 -6.79 -3.98 -6.44
C GLU D 231 -6.34 -5.39 -6.83
N PHE D 232 -6.55 -5.75 -8.08
CA PHE D 232 -6.14 -7.06 -8.57
C PHE D 232 -4.93 -6.88 -9.49
N VAL D 233 -3.77 -7.29 -8.98
CA VAL D 233 -2.51 -7.17 -9.70
C VAL D 233 -2.18 -8.43 -10.50
N VAL D 234 -1.85 -8.22 -11.77
CA VAL D 234 -1.50 -9.31 -12.66
C VAL D 234 -0.30 -8.77 -13.43
N ASP D 235 0.86 -8.82 -12.77
CA ASP D 235 2.10 -8.30 -13.33
C ASP D 235 3.28 -9.26 -13.27
N GLY D 236 3.02 -10.54 -13.07
CA GLY D 236 4.11 -11.50 -13.02
C GLY D 236 5.10 -11.29 -11.89
N GLY D 237 4.72 -10.50 -10.88
CA GLY D 237 5.58 -10.27 -9.73
C GLY D 237 6.36 -8.98 -9.60
N THR D 238 6.28 -8.12 -10.60
CA THR D 238 7.04 -6.87 -10.56
C THR D 238 6.90 -6.05 -9.27
N VAL D 239 5.66 -5.75 -8.86
CA VAL D 239 5.47 -4.91 -7.67
C VAL D 239 5.68 -5.62 -6.34
N ALA D 240 5.85 -6.95 -6.37
CA ALA D 240 6.07 -7.71 -5.14
C ALA D 240 7.54 -7.69 -4.75
N GLY D 241 8.37 -7.14 -5.65
CA GLY D 241 9.79 -7.08 -5.39
C GLY D 241 10.34 -5.67 -5.35
N LEU D 242 11.59 -5.55 -4.91
CA LEU D 242 12.24 -4.25 -4.83
C LEU D 242 13.09 -4.00 -6.07
N ALA D 243 13.07 -2.77 -6.57
CA ALA D 243 13.84 -2.41 -7.75
C ALA D 243 15.35 -2.56 -7.53
N HIS D 244 15.97 -3.50 -8.27
CA HIS D 244 17.41 -3.75 -8.15
C HIS D 244 18.18 -3.34 -9.41
N ASN D 245 19.50 -3.24 -9.31
CA ASN D 245 20.34 -2.87 -10.45
C ASN D 245 21.06 -4.08 -11.04
PA NAD E . -8.48 26.00 2.59
O1A NAD E . -9.78 26.12 1.91
O2A NAD E . -8.38 26.73 3.87
O5B NAD E . -7.32 26.61 1.71
C5B NAD E . -7.13 26.20 0.34
C4B NAD E . -6.50 27.45 -0.21
O4B NAD E . -6.25 27.32 -1.65
C3B NAD E . -7.33 28.71 -0.01
O3B NAD E . -6.52 29.78 0.54
C2B NAD E . -7.86 28.91 -1.42
O2B NAD E . -8.24 30.27 -1.63
C1B NAD E . -6.65 28.48 -2.27
N9A NAD E . -7.06 28.14 -3.61
C8A NAD E . -8.22 27.52 -4.01
N7A NAD E . -8.30 27.35 -5.35
C5A NAD E . -7.12 27.93 -5.80
C6A NAD E . -6.60 28.11 -7.11
N6A NAD E . -7.20 27.71 -8.24
N1A NAD E . -5.37 28.72 -7.22
C2A NAD E . -4.73 29.15 -6.08
N3A NAD E . -5.16 29.03 -4.82
C4A NAD E . -6.36 28.41 -4.74
O3 NAD E . -8.15 24.45 2.71
PN NAD E . -7.02 23.82 3.68
O1N NAD E . -7.55 22.97 4.76
O2N NAD E . -6.13 24.91 4.20
O5D NAD E . -6.31 22.82 2.68
C5D NAD E . -5.18 23.19 1.88
C4D NAD E . -4.78 21.91 1.16
O4D NAD E . -4.71 20.83 2.15
C3D NAD E . -5.70 21.39 0.05
O3D NAD E . -4.91 20.83 -1.00
C2D NAD E . -6.50 20.30 0.75
O2D NAD E . -7.06 19.36 -0.19
C1D NAD E . -5.47 19.72 1.67
N1N NAD E . -6.02 18.93 2.79
C2N NAD E . -6.92 19.48 3.76
C3N NAD E . -7.46 18.66 4.87
C7N NAD E . -8.39 19.32 5.83
O7N NAD E . -8.80 18.55 6.73
N7N NAD E . -8.77 20.63 5.76
C4N NAD E . -7.05 17.24 4.97
C5N NAD E . -6.10 16.74 3.90
C6N NAD E . -5.66 17.55 2.94
PA NAD F . 24.20 -3.38 12.51
O1A NAD F . 24.56 -4.81 12.39
O2A NAD F . 25.33 -2.44 12.29
O5B NAD F . 23.68 -3.06 13.97
C5B NAD F . 22.60 -3.85 14.53
C4B NAD F . 22.92 -3.79 15.99
O4B NAD F . 21.97 -4.61 16.76
C3B NAD F . 24.33 -4.27 16.36
O3B NAD F . 25.03 -3.29 17.18
C2B NAD F . 24.00 -5.58 17.03
O2B NAD F . 25.03 -5.96 17.97
C1B NAD F . 22.66 -5.29 17.73
N9A NAD F . 21.98 -6.54 18.02
C8A NAD F . 21.88 -7.65 17.23
N7A NAD F . 21.18 -8.64 17.80
C5A NAD F . 20.84 -8.10 19.04
C6A NAD F . 20.10 -8.63 20.14
N6A NAD F . 19.58 -9.86 20.18
N1A NAD F . 19.93 -7.82 21.24
C2A NAD F . 20.47 -6.55 21.21
N3A NAD F . 21.17 -5.99 20.24
C4A NAD F . 21.32 -6.80 19.18
O3 NAD F . 22.97 -3.08 11.52
PN NAD F . 22.35 -1.64 11.17
O1N NAD F . 22.49 -1.23 9.75
O2N NAD F . 22.92 -0.61 12.12
O5D NAD F . 20.81 -1.89 11.33
C5D NAD F . 20.09 -1.51 12.55
C4D NAD F . 18.64 -1.81 12.24
O4D NAD F . 18.31 -1.16 10.97
C3D NAD F . 18.23 -3.29 12.05
O3D NAD F . 16.88 -3.46 12.55
C2D NAD F . 18.25 -3.44 10.54
O2D NAD F . 17.46 -4.56 10.09
C1D NAD F . 17.71 -2.10 10.10
N1N NAD F . 17.98 -1.77 8.68
C2N NAD F . 19.31 -1.72 8.15
C3N NAD F . 19.56 -1.38 6.75
C7N NAD F . 20.98 -1.34 6.28
O7N NAD F . 21.09 -1.06 5.06
N7N NAD F . 22.06 -1.59 7.06
C4N NAD F . 18.40 -1.10 5.87
C5N NAD F . 17.04 -1.18 6.50
C6N NAD F . 16.89 -1.49 7.80
PA NAD G . -11.27 -22.01 11.91
O1A NAD G . -10.90 -21.99 13.34
O2A NAD G . -12.65 -22.44 11.63
O5B NAD G . -10.36 -23.04 11.14
C5B NAD G . -8.93 -22.95 11.28
C4B NAD G . -8.55 -24.40 11.20
O4B NAD G . -7.10 -24.58 11.42
C3B NAD G . -9.26 -25.31 12.22
O3B NAD G . -9.88 -26.42 11.54
C2B NAD G . -8.10 -25.65 13.14
O2B NAD G . -8.31 -26.90 13.80
C1B NAD G . -6.91 -25.69 12.18
N9A NAD G . -5.68 -25.56 12.93
C8A NAD G . -5.43 -24.78 14.04
N7A NAD G . -4.17 -24.90 14.51
C5A NAD G . -3.62 -25.83 13.65
C6A NAD G . -2.33 -26.42 13.59
N6A NAD G . -1.31 -26.17 14.44
N1A NAD G . -2.10 -27.32 12.59
C2A NAD G . -3.12 -27.61 11.70
N3A NAD G . -4.33 -27.12 11.68
C4A NAD G . -4.54 -26.24 12.67
O3 NAD G . -10.95 -20.55 11.32
PN NAD G . -11.31 -20.02 9.83
O1N NAD G . -12.17 -18.82 9.78
O2N NAD G . -11.89 -21.16 9.03
O5D NAD G . -9.92 -19.48 9.33
C5D NAD G . -9.09 -20.20 8.39
C4D NAD G . -7.95 -19.26 8.10
O4D NAD G . -8.54 -18.04 7.56
C3D NAD G . -7.05 -18.80 9.26
O3D NAD G . -5.70 -18.62 8.76
C2D NAD G . -7.64 -17.45 9.64
O2D NAD G . -6.70 -16.62 10.35
C1D NAD G . -8.02 -16.92 8.27
N1N NAD G . -8.99 -15.79 8.31
C2N NAD G . -10.28 -15.92 8.91
C3N NAD G . -11.24 -14.78 8.91
C7N NAD G . -12.57 -14.99 9.56
O7N NAD G . -13.31 -13.98 9.51
N7N NAD G . -12.97 -16.15 10.15
C4N NAD G . -10.83 -13.51 8.26
C5N NAD G . -9.46 -13.47 7.65
C6N NAD G . -8.65 -14.54 7.69
PA NAD H . -4.37 -0.45 -27.11
O1A NAD H . -3.81 0.78 -27.70
O2A NAD H . -4.10 -1.69 -27.90
O5B NAD H . -5.94 -0.35 -27.02
C5B NAD H . -6.54 0.77 -26.34
C4B NAD H . -7.84 0.90 -27.11
O4B NAD H . -8.59 2.07 -26.62
C3B NAD H . -7.67 1.10 -28.62
O3B NAD H . -8.45 0.11 -29.36
C2B NAD H . -8.11 2.54 -28.78
O2B NAD H . -8.62 2.78 -30.08
C1B NAD H . -9.18 2.70 -27.67
N9A NAD H . -9.38 4.09 -27.34
C8A NAD H . -8.42 5.05 -27.16
N7A NAD H . -8.92 6.26 -26.87
C5A NAD H . -10.28 6.02 -26.88
C6A NAD H . -11.39 6.90 -26.66
N6A NAD H . -11.30 8.20 -26.38
N1A NAD H . -12.65 6.34 -26.75
C2A NAD H . -12.77 5.00 -27.04
N3A NAD H . -11.80 4.14 -27.27
C4A NAD H . -10.58 4.70 -27.17
O3 NAD H . -3.83 -0.60 -25.61
PN NAD H . -3.97 -1.92 -24.69
O1N NAD H . -2.70 -2.56 -24.31
O2N NAD H . -4.91 -2.89 -25.36
O5D NAD H . -4.53 -1.28 -23.35
C5D NAD H . -5.94 -1.24 -23.02
C4D NAD H . -6.00 -0.64 -21.62
O4D NAD H . -5.11 -1.42 -20.77
C3D NAD H . -5.55 0.82 -21.46
O3D NAD H . -6.32 1.43 -20.41
C2D NAD H . -4.11 0.68 -21.00
O2D NAD H . -3.65 1.88 -20.34
C1D NAD H . -4.22 -0.52 -20.10
N1N NAD H . -2.93 -1.17 -19.80
C2N NAD H . -2.09 -1.68 -20.84
C3N NAD H . -0.81 -2.33 -20.53
C7N NAD H . 0.02 -2.84 -21.68
O7N NAD H . 1.08 -3.37 -21.31
N7N NAD H . -0.35 -2.74 -23.00
C4N NAD H . -0.40 -2.45 -19.11
C5N NAD H . -1.34 -1.88 -18.09
C6N NAD H . -2.49 -1.31 -18.45
#